data_6VK3
#
_entry.id   6VK3
#
loop_
_entity.id
_entity.type
_entity.pdbx_description
1 polymer Hrd3
2 polymer 'Protein OS-9 homolog'
#
loop_
_entity_poly.entity_id
_entity_poly.type
_entity_poly.pdbx_seq_one_letter_code
_entity_poly.pdbx_strand_id
1 'polypeptide(L)'
;MITLLLYLCVICNAIVLIRADSIADPWPEARHLLNTIAKSRDPMKEAAMEPNADEFVGFYVPMDYSPRNEEKNYQSIWQN
EITDSQRHIYELLVQSSEQFNNSEATYTLSQIHLWSQYNFPHNMTLAHKYLEKFNDLTHFTNHSAIFDLAVMYATGGCAS
GNDQTVIPQDSAKALLYYQRAAQLGNLKAKQVLAYKYYSGFNVPRNFHKSLVLYRDIAEQLRKSYSRDEWDIVFPYWESY
NVRISDFESGLLGKGLNSVPSSTVRKRTTR(UNK)(UNK)(UNK)(UNK)(UNK)(UNK)(UNK)DASERRIIRIYYAAL
NDYKGTYSQSRNCERAKNLLELTYKEFQPHVDNLDPLQVFYYVRCLQLLGHMYFTGEGSSKPNIHMAEEILTTSLEISRR
AQGPIGRACIDLGLINQYITNNISQAISYYMKAMKTQANNGIVEFQLSKLATSFPEEKIGDPFNLMETAYLNGFIPAIYE
FAVMIESGMNSKSSVENTAYLFKTFVDKNEAIMAPKLRTAFAALINDRSEVALWAYSQLAEQGYETAQVSAAYLMYQLPY
EFEDPPRTTDQRKTLAISYYTRAFKQGNIDAGVVAGDIYFQMQNYSKAMALYQGAALKYSIQAIWNLGYMHEHGLGVNRD
FHLAKRYYDQVSEHDHRFYLASKLSVLKLHLKSWLTWITREKVNYWKPSSPLNPNEDTQHSKTSWYKQLTKILQRMRHKE
DSDKAAEDSHKHRTVVQNGANHRGDDQEEASEILGFQMED
;
A
2 'polypeptide(L)'
;MQAKIIYALSAISALIPLGSSLLAPIEDPIVSNKYLISYIDEDDWSDRILQNQSVMNSGYIVNMGDDLECFIQNASTQLN
DVLEDSNEHSNSEKTALLTKTLNQGVKTIFDKLNERCIFYQAGFWIYEYCPGIEFVQFHGRVNTKTGEIVNRDESLVYRL
GKPKANVEEREFELLYDDVGYYISEIIGSGDICDVTGAERMVEIQYVCGGSNSGPSTIQWVRETKICVYEAQVTIPELCN
LELLAKNEDQKNASPILCRMPAKSKIGSNSIDLITKYEPIFLGSGIYFLRPFNTDERDKLMVTDNAMSNWDEITETYYQK
FGNAINKMLSLRLVSLPNGHILQPGDSCVWLAEVVDMKDRFQTTLSLNILNSQRAEIFFNKTFTFNEDNGNFLSYKIGDH
GESTELGQITHSNKADINTAEIRSDEYLINTDNELFLRISKEIAEVKELLNEIVSPHEMEVIFENMRNQPNNDFELALMN
KLKSSLNDDNKVEQINNARMDDDESTSHTTRDIGEAGSQTTGNTESEVTNVAAGVFIEHDEL
;
B
#
# COMPACT_ATOMS: atom_id res chain seq x y z
N PRO A 26 29.27 -10.51 33.54
CA PRO A 26 28.04 -10.35 34.30
C PRO A 26 26.81 -10.66 33.45
N TRP A 27 26.99 -10.59 32.13
CA TRP A 27 25.87 -10.83 31.23
C TRP A 27 25.25 -12.23 31.34
N PRO A 28 26.01 -13.32 31.53
CA PRO A 28 25.34 -14.63 31.63
C PRO A 28 24.37 -14.74 32.79
N GLU A 29 24.76 -14.23 33.97
CA GLU A 29 23.85 -14.25 35.11
C GLU A 29 22.60 -13.44 34.83
N ALA A 30 22.76 -12.28 34.19
CA ALA A 30 21.60 -11.45 33.85
C ALA A 30 20.69 -12.16 32.87
N ARG A 31 21.25 -12.90 31.92
CA ARG A 31 20.42 -13.64 30.98
C ARG A 31 19.66 -14.75 31.68
N HIS A 32 20.35 -15.52 32.54
CA HIS A 32 19.68 -16.58 33.28
C HIS A 32 18.56 -16.01 34.15
N LEU A 33 18.77 -14.82 34.71
CA LEU A 33 17.71 -14.17 35.48
C LEU A 33 16.55 -13.78 34.59
N LEU A 34 16.83 -13.04 33.50
CA LEU A 34 15.78 -12.56 32.61
C LEU A 34 15.00 -13.69 31.95
N ASN A 35 15.50 -14.92 32.02
CA ASN A 35 14.80 -16.05 31.42
C ASN A 35 13.52 -16.38 32.20
N THR A 36 13.21 -15.65 33.27
CA THR A 36 12.11 -16.01 34.15
C THR A 36 11.08 -14.89 34.36
N ILE A 37 11.07 -13.86 33.53
CA ILE A 37 10.20 -12.71 33.79
C ILE A 37 9.19 -12.46 32.68
N ALA A 38 8.85 -13.48 31.88
CA ALA A 38 7.69 -13.42 30.99
C ALA A 38 7.83 -12.24 30.01
N LYS A 39 8.78 -12.42 29.08
CA LYS A 39 9.34 -11.35 28.24
C LYS A 39 8.36 -10.24 27.87
N SER A 40 7.18 -10.60 27.38
CA SER A 40 6.16 -9.60 27.08
C SER A 40 4.84 -10.33 27.00
N ARG A 41 3.83 -9.80 27.68
CA ARG A 41 2.51 -10.43 27.74
C ARG A 41 1.58 -9.66 26.81
N ASP A 42 1.02 -10.37 25.83
CA ASP A 42 0.02 -9.78 24.96
C ASP A 42 -1.35 -10.21 25.45
N PRO A 43 -2.16 -9.31 26.01
CA PRO A 43 -3.43 -9.74 26.62
C PRO A 43 -4.41 -10.34 25.63
N MET A 44 -4.23 -10.10 24.32
CA MET A 44 -5.11 -10.75 23.36
C MET A 44 -4.92 -12.26 23.37
N LYS A 45 -3.70 -12.72 23.60
CA LYS A 45 -3.43 -14.15 23.65
C LYS A 45 -3.76 -14.74 25.01
N GLU A 46 -3.70 -13.93 26.07
CA GLU A 46 -4.00 -14.43 27.41
C GLU A 46 -5.50 -14.46 27.70
N ALA A 47 -6.27 -13.58 27.07
CA ALA A 47 -7.72 -13.61 27.23
C ALA A 47 -8.38 -14.70 26.41
N ALA A 48 -7.61 -15.46 25.64
CA ALA A 48 -8.19 -16.56 24.87
C ALA A 48 -8.17 -17.87 25.63
N MET A 49 -7.40 -17.94 26.72
CA MET A 49 -7.40 -19.15 27.54
C MET A 49 -8.54 -19.15 28.54
N GLU A 50 -8.85 -17.99 29.13
CA GLU A 50 -9.95 -17.88 30.07
C GLU A 50 -11.26 -17.58 29.36
N VAL A 57 -12.93 -5.09 26.93
CA VAL A 57 -11.92 -4.22 27.50
C VAL A 57 -11.41 -3.24 26.47
N GLY A 58 -11.13 -2.01 26.90
CA GLY A 58 -10.67 -0.96 26.01
C GLY A 58 -9.37 -0.34 26.49
N PHE A 59 -8.88 0.60 25.70
CA PHE A 59 -7.61 1.25 25.96
C PHE A 59 -7.83 2.75 26.16
N TYR A 60 -6.90 3.38 26.87
CA TYR A 60 -6.96 4.79 27.18
C TYR A 60 -5.87 5.51 26.40
N VAL A 61 -6.24 6.14 25.29
CA VAL A 61 -5.28 6.96 24.54
C VAL A 61 -5.25 8.33 25.20
N PRO A 62 -4.07 8.86 25.53
CA PRO A 62 -4.01 10.17 26.15
C PRO A 62 -4.28 11.26 25.14
N MET A 63 -4.71 12.42 25.63
CA MET A 63 -5.01 13.54 24.76
C MET A 63 -3.81 14.47 24.59
N ASP A 64 -3.05 14.70 25.66
CA ASP A 64 -1.92 15.61 25.63
C ASP A 64 -0.68 14.90 26.16
N TYR A 65 0.43 15.63 26.14
CA TYR A 65 1.74 15.04 26.43
C TYR A 65 2.70 16.15 26.82
N SER A 66 3.66 15.80 27.68
CA SER A 66 4.68 16.74 28.12
C SER A 66 5.92 16.00 28.59
N PRO A 67 7.09 16.28 28.03
CA PRO A 67 8.29 15.52 28.43
C PRO A 67 8.61 15.61 29.91
N ARG A 68 8.33 16.74 30.55
CA ARG A 68 8.52 16.83 32.00
C ARG A 68 7.56 15.91 32.74
N ASN A 69 6.31 15.87 32.30
CA ASN A 69 5.35 14.93 32.87
C ASN A 69 5.82 13.50 32.68
N GLU A 70 6.42 13.20 31.53
CA GLU A 70 6.92 11.85 31.29
C GLU A 70 8.09 11.53 32.21
N GLU A 71 9.01 12.48 32.41
CA GLU A 71 10.12 12.25 33.31
C GLU A 71 9.62 11.99 34.72
N LYS A 72 8.66 12.80 35.20
CA LYS A 72 8.12 12.60 36.53
C LYS A 72 7.41 11.26 36.64
N ASN A 73 6.65 10.88 35.61
CA ASN A 73 5.96 9.59 35.63
C ASN A 73 6.95 8.44 35.67
N TYR A 74 8.04 8.56 34.92
CA TYR A 74 9.03 7.48 34.88
C TYR A 74 9.77 7.36 36.20
N GLN A 75 10.13 8.49 36.81
CA GLN A 75 10.78 8.44 38.11
C GLN A 75 9.83 7.87 39.18
N SER A 76 8.54 8.21 39.09
CA SER A 76 7.58 7.64 40.02
C SER A 76 7.41 6.14 39.80
N ILE A 77 7.47 5.68 38.56
CA ILE A 77 7.39 4.24 38.30
C ILE A 77 8.61 3.54 38.87
N TRP A 78 9.80 4.12 38.68
CA TRP A 78 11.00 3.49 39.21
C TRP A 78 11.02 3.47 40.73
N GLN A 79 10.46 4.50 41.35
CA GLN A 79 10.50 4.56 42.81
C GLN A 79 9.51 3.59 43.45
N ASN A 80 8.42 3.25 42.76
CA ASN A 80 7.33 2.51 43.37
C ASN A 80 7.12 1.12 42.78
N GLU A 81 6.91 1.02 41.47
CA GLU A 81 6.32 -0.20 40.91
C GLU A 81 7.33 -1.35 40.79
N ILE A 82 8.56 -1.04 40.37
CA ILE A 82 9.50 -2.10 40.02
C ILE A 82 9.93 -2.87 41.26
N THR A 83 9.84 -4.19 41.19
CA THR A 83 10.22 -5.06 42.29
C THR A 83 11.74 -5.11 42.43
N ASP A 84 12.19 -5.59 43.59
CA ASP A 84 13.61 -5.60 43.91
C ASP A 84 14.42 -6.55 43.03
N SER A 85 13.83 -7.69 42.64
CA SER A 85 14.52 -8.59 41.72
C SER A 85 14.83 -7.88 40.41
N GLN A 86 13.87 -7.09 39.90
CA GLN A 86 14.11 -6.34 38.67
C GLN A 86 15.12 -5.23 38.88
N ARG A 87 15.11 -4.59 40.06
CA ARG A 87 16.16 -3.62 40.37
C ARG A 87 17.54 -4.25 40.26
N HIS A 88 17.73 -5.39 40.95
CA HIS A 88 19.01 -6.08 40.90
C HIS A 88 19.39 -6.44 39.47
N ILE A 89 18.45 -7.02 38.72
CA ILE A 89 18.72 -7.45 37.36
C ILE A 89 19.14 -6.28 36.49
N TYR A 90 18.40 -5.17 36.56
CA TYR A 90 18.68 -4.04 35.69
C TYR A 90 19.99 -3.37 36.06
N GLU A 91 20.27 -3.21 37.35
CA GLU A 91 21.53 -2.59 37.73
C GLU A 91 22.71 -3.45 37.31
N LEU A 92 22.59 -4.78 37.46
CA LEU A 92 23.64 -5.67 36.98
C LEU A 92 23.79 -5.57 35.47
N LEU A 93 22.67 -5.45 34.76
CA LEU A 93 22.71 -5.37 33.30
C LEU A 93 23.41 -4.11 32.83
N VAL A 94 23.08 -2.97 33.45
CA VAL A 94 23.73 -1.72 33.08
C VAL A 94 25.21 -1.76 33.42
N GLN A 95 25.55 -2.29 34.61
CA GLN A 95 26.96 -2.40 34.97
C GLN A 95 27.72 -3.24 33.95
N SER A 96 27.12 -4.36 33.53
CA SER A 96 27.73 -5.19 32.50
C SER A 96 27.94 -4.40 31.22
N SER A 97 26.84 -3.90 30.63
CA SER A 97 26.91 -3.27 29.32
C SER A 97 27.66 -1.95 29.32
N GLU A 98 27.99 -1.40 30.48
CA GLU A 98 28.79 -0.18 30.50
C GLU A 98 30.26 -0.46 30.81
N GLN A 99 30.53 -1.16 31.91
CA GLN A 99 31.91 -1.48 32.24
C GLN A 99 32.53 -2.38 31.17
N PHE A 100 31.76 -3.33 30.67
CA PHE A 100 32.19 -4.22 29.60
C PHE A 100 31.37 -3.86 28.37
N ASN A 101 32.01 -3.70 27.23
CA ASN A 101 31.26 -3.49 26.01
C ASN A 101 30.78 -4.86 25.55
N ASN A 102 29.62 -5.29 26.06
CA ASN A 102 29.18 -6.66 25.85
C ASN A 102 28.56 -6.86 24.47
N SER A 103 28.07 -5.80 23.85
CA SER A 103 27.49 -5.80 22.51
C SER A 103 26.20 -6.59 22.41
N GLU A 104 25.82 -7.35 23.44
CA GLU A 104 24.51 -7.98 23.47
C GLU A 104 23.65 -7.66 24.67
N ALA A 105 24.25 -7.32 25.81
CA ALA A 105 23.48 -6.79 26.92
C ALA A 105 23.01 -5.39 26.56
N THR A 106 23.82 -4.66 25.79
CA THR A 106 23.39 -3.36 25.30
C THR A 106 22.15 -3.47 24.43
N TYR A 107 22.11 -4.47 23.55
CA TYR A 107 20.96 -4.62 22.67
C TYR A 107 19.71 -5.01 23.45
N THR A 108 19.83 -6.00 24.34
CA THR A 108 18.65 -6.41 25.09
C THR A 108 18.18 -5.30 26.02
N LEU A 109 19.10 -4.47 26.50
CA LEU A 109 18.68 -3.35 27.35
C LEU A 109 18.01 -2.26 26.53
N SER A 110 18.50 -2.04 25.31
CA SER A 110 17.82 -1.14 24.38
C SER A 110 16.41 -1.61 24.11
N GLN A 111 16.25 -2.90 23.79
CA GLN A 111 14.90 -3.42 23.53
C GLN A 111 14.04 -3.36 24.79
N ILE A 112 14.63 -3.56 25.96
CA ILE A 112 13.88 -3.41 27.21
C ILE A 112 13.29 -2.01 27.30
N HIS A 113 14.16 -1.00 27.26
CA HIS A 113 13.68 0.36 27.47
C HIS A 113 12.94 0.93 26.27
N LEU A 114 12.95 0.25 25.13
CA LEU A 114 12.27 0.73 23.94
C LEU A 114 10.91 0.10 23.75
N TRP A 115 10.73 -1.16 24.11
CA TRP A 115 9.43 -1.81 24.04
C TRP A 115 8.78 -2.01 25.40
N SER A 116 9.46 -1.64 26.48
CA SER A 116 8.99 -1.89 27.84
C SER A 116 8.61 -3.36 28.00
N GLN A 117 9.60 -4.23 27.80
CA GLN A 117 9.35 -5.66 27.72
C GLN A 117 9.22 -6.32 29.07
N TYR A 118 10.27 -6.29 29.88
CA TYR A 118 10.30 -7.04 31.14
C TYR A 118 9.62 -6.29 32.27
N ASN A 119 8.67 -5.41 31.94
CA ASN A 119 7.91 -4.54 32.82
C ASN A 119 8.72 -3.31 33.21
N PHE A 120 9.86 -3.07 32.58
CA PHE A 120 10.56 -1.85 32.88
C PHE A 120 9.90 -0.69 32.13
N PRO A 121 9.93 0.51 32.70
CA PRO A 121 9.25 1.64 32.06
C PRO A 121 9.96 2.06 30.78
N HIS A 122 9.21 2.73 29.92
CA HIS A 122 9.63 3.01 28.55
C HIS A 122 10.31 4.37 28.47
N ASN A 123 11.61 4.37 28.20
CA ASN A 123 12.35 5.59 27.89
C ASN A 123 12.69 5.63 26.41
N MET A 124 12.54 6.80 25.80
CA MET A 124 12.96 6.97 24.42
C MET A 124 14.40 7.45 24.31
N THR A 125 14.82 8.39 25.16
CA THR A 125 16.18 8.89 25.08
C THR A 125 17.20 7.83 25.48
N LEU A 126 16.88 7.03 26.49
CA LEU A 126 17.81 5.98 26.90
C LEU A 126 17.87 4.88 25.85
N ALA A 127 16.73 4.54 25.26
CA ALA A 127 16.72 3.57 24.18
C ALA A 127 17.54 4.06 23.00
N HIS A 128 17.44 5.35 22.68
CA HIS A 128 18.27 5.91 21.61
C HIS A 128 19.74 5.82 21.95
N LYS A 129 20.10 6.16 23.19
CA LYS A 129 21.50 6.11 23.61
C LYS A 129 22.05 4.69 23.48
N TYR A 130 21.28 3.70 23.93
CA TYR A 130 21.80 2.33 23.90
C TYR A 130 21.77 1.74 22.49
N LEU A 131 20.83 2.15 21.65
CA LEU A 131 20.89 1.74 20.25
C LEU A 131 22.12 2.32 19.57
N GLU A 132 22.44 3.59 19.87
CA GLU A 132 23.63 4.20 19.30
C GLU A 132 24.88 3.47 19.77
N LYS A 133 24.93 3.08 21.04
CA LYS A 133 26.08 2.33 21.53
C LYS A 133 26.18 0.96 20.86
N PHE A 134 25.05 0.27 20.71
CA PHE A 134 25.05 -1.03 20.05
C PHE A 134 25.50 -0.92 18.61
N ASN A 135 25.12 0.17 17.93
CA ASN A 135 25.57 0.38 16.56
C ASN A 135 27.07 0.64 16.51
N ASP A 136 27.55 1.59 17.33
CA ASP A 136 28.99 1.87 17.37
C ASP A 136 29.79 0.64 17.77
N LEU A 137 29.16 -0.34 18.42
CA LEU A 137 29.86 -1.57 18.77
C LEU A 137 29.86 -2.56 17.61
N THR A 138 28.70 -2.81 17.01
CA THR A 138 28.57 -3.80 15.97
C THR A 138 28.97 -3.28 14.59
N HIS A 139 29.45 -2.03 14.52
CA HIS A 139 29.96 -1.46 13.27
C HIS A 139 28.89 -1.44 12.18
N PHE A 140 27.64 -1.20 12.57
CA PHE A 140 26.52 -1.12 11.63
C PHE A 140 26.40 -2.40 10.81
N THR A 141 26.29 -3.54 11.50
CA THR A 141 26.18 -4.83 10.85
C THR A 141 24.92 -5.59 11.25
N ASN A 142 24.12 -5.05 12.17
CA ASN A 142 22.87 -5.65 12.61
C ASN A 142 21.75 -4.76 12.12
N HIS A 143 20.92 -5.29 11.21
CA HIS A 143 19.99 -4.42 10.49
C HIS A 143 18.73 -4.10 11.29
N SER A 144 18.37 -4.90 12.29
CA SER A 144 17.21 -4.56 13.10
C SER A 144 17.44 -3.26 13.86
N ALA A 145 18.59 -3.15 14.54
CA ALA A 145 18.90 -1.92 15.26
C ALA A 145 19.07 -0.75 14.30
N ILE A 146 19.65 -1.00 13.13
CA ILE A 146 19.84 0.09 12.18
C ILE A 146 18.49 0.60 11.69
N PHE A 147 17.53 -0.28 11.42
CA PHE A 147 16.22 0.17 10.98
C PHE A 147 15.47 0.88 12.10
N ASP A 148 15.57 0.37 13.33
CA ASP A 148 14.94 1.06 14.45
C ASP A 148 15.49 2.47 14.60
N LEU A 149 16.81 2.62 14.54
CA LEU A 149 17.43 3.93 14.65
C LEU A 149 17.08 4.79 13.46
N ALA A 150 16.86 4.19 12.29
CA ALA A 150 16.42 4.94 11.13
C ALA A 150 15.06 5.57 11.37
N VAL A 151 14.12 4.78 11.90
CA VAL A 151 12.80 5.33 12.22
C VAL A 151 12.93 6.41 13.27
N MET A 152 13.79 6.21 14.27
CA MET A 152 13.98 7.22 15.31
C MET A 152 14.52 8.51 14.74
N TYR A 153 15.39 8.43 13.73
CA TYR A 153 15.88 9.66 13.10
C TYR A 153 14.83 10.28 12.20
N ALA A 154 13.95 9.46 11.62
CA ALA A 154 12.94 9.98 10.71
C ALA A 154 11.75 10.60 11.44
N THR A 155 11.53 10.27 12.70
CA THR A 155 10.43 10.85 13.45
C THR A 155 10.89 11.76 14.59
N GLY A 156 12.19 12.02 14.70
CA GLY A 156 12.68 12.99 15.67
C GLY A 156 12.35 12.68 17.11
N GLY A 157 12.24 11.40 17.47
CA GLY A 157 11.98 11.03 18.85
C GLY A 157 13.11 11.42 19.77
N CYS A 158 14.26 10.76 19.63
CA CYS A 158 15.47 11.08 20.37
C CYS A 158 15.23 11.12 21.87
N PRO A 168 16.28 18.56 15.78
CA PRO A 168 15.09 17.70 15.69
C PRO A 168 15.33 16.48 14.83
N GLN A 169 14.46 16.26 13.85
CA GLN A 169 14.60 15.17 12.90
C GLN A 169 15.28 15.67 11.63
N ASP A 170 16.15 14.83 11.07
CA ASP A 170 16.80 15.10 9.79
C ASP A 170 16.61 13.88 8.90
N SER A 171 15.97 14.10 7.75
CA SER A 171 15.66 12.98 6.87
C SER A 171 16.88 12.45 6.14
N ALA A 172 18.01 13.17 6.16
CA ALA A 172 19.20 12.68 5.48
C ALA A 172 19.70 11.38 6.10
N LYS A 173 20.04 11.42 7.39
CA LYS A 173 20.52 10.22 8.05
C LYS A 173 19.44 9.14 8.11
N ALA A 174 18.18 9.54 8.15
CA ALA A 174 17.10 8.54 8.13
C ALA A 174 17.10 7.78 6.82
N LEU A 175 17.18 8.50 5.70
CA LEU A 175 17.22 7.83 4.40
C LEU A 175 18.48 6.98 4.26
N LEU A 176 19.61 7.48 4.78
CA LEU A 176 20.84 6.71 4.70
C LEU A 176 20.73 5.40 5.49
N TYR A 177 20.13 5.45 6.68
CA TYR A 177 20.00 4.24 7.46
C TYR A 177 18.97 3.28 6.85
N TYR A 178 17.92 3.82 6.22
CA TYR A 178 17.03 2.96 5.43
C TYR A 178 17.82 2.25 4.34
N GLN A 179 18.65 3.00 3.62
CA GLN A 179 19.51 2.43 2.59
C GLN A 179 20.37 1.31 3.14
N ARG A 180 20.97 1.55 4.31
CA ARG A 180 21.87 0.56 4.90
C ARG A 180 21.11 -0.70 5.32
N ALA A 181 19.98 -0.53 6.01
CA ALA A 181 19.21 -1.68 6.44
C ALA A 181 18.55 -2.40 5.28
N ALA A 182 18.46 -1.76 4.11
CA ALA A 182 18.05 -2.47 2.92
C ALA A 182 19.21 -3.21 2.29
N GLN A 183 20.41 -2.65 2.35
CA GLN A 183 21.62 -3.37 1.96
C GLN A 183 21.72 -4.68 2.71
N LEU A 184 21.64 -4.62 4.04
CA LEU A 184 21.89 -5.79 4.87
C LEU A 184 20.88 -6.89 4.64
N GLY A 185 19.71 -6.58 4.09
CA GLY A 185 18.71 -7.57 3.77
C GLY A 185 17.44 -7.54 4.60
N ASN A 186 17.13 -6.43 5.27
CA ASN A 186 15.91 -6.33 6.05
C ASN A 186 14.74 -6.03 5.13
N LEU A 187 13.69 -6.84 5.22
CA LEU A 187 12.54 -6.67 4.33
C LEU A 187 11.78 -5.38 4.63
N LYS A 188 11.68 -5.01 5.90
CA LYS A 188 10.93 -3.80 6.24
C LYS A 188 11.63 -2.55 5.73
N ALA A 189 12.95 -2.51 5.75
CA ALA A 189 13.65 -1.33 5.24
C ALA A 189 13.53 -1.24 3.72
N LYS A 190 13.61 -2.38 3.03
CA LYS A 190 13.34 -2.37 1.60
C LYS A 190 11.91 -1.94 1.31
N GLN A 191 10.97 -2.30 2.17
CA GLN A 191 9.60 -1.89 1.93
C GLN A 191 9.41 -0.40 2.15
N VAL A 192 10.02 0.16 3.20
CA VAL A 192 9.85 1.60 3.40
C VAL A 192 10.58 2.37 2.30
N LEU A 193 11.69 1.84 1.79
CA LEU A 193 12.35 2.53 0.68
C LEU A 193 11.53 2.43 -0.60
N ALA A 194 10.92 1.28 -0.84
CA ALA A 194 10.03 1.14 -1.99
C ALA A 194 8.83 2.07 -1.87
N TYR A 195 8.31 2.22 -0.66
CA TYR A 195 7.16 3.10 -0.48
C TYR A 195 7.55 4.56 -0.65
N LYS A 196 8.76 4.93 -0.22
CA LYS A 196 9.23 6.27 -0.47
C LYS A 196 9.38 6.53 -1.97
N TYR A 197 9.96 5.58 -2.70
CA TYR A 197 10.10 5.75 -4.13
C TYR A 197 8.78 5.64 -4.88
N TYR A 198 7.74 5.09 -4.25
CA TYR A 198 6.46 4.92 -4.92
C TYR A 198 5.59 6.15 -4.74
N SER A 199 5.27 6.50 -3.50
CA SER A 199 4.38 7.62 -3.26
C SER A 199 5.11 8.96 -3.22
N GLY A 200 6.41 8.98 -3.51
CA GLY A 200 7.10 10.25 -3.65
C GLY A 200 7.47 10.94 -2.35
N PHE A 201 7.48 10.23 -1.24
CA PHE A 201 7.87 10.84 0.03
C PHE A 201 9.38 10.81 0.18
N ASN A 202 9.97 11.99 0.40
CA ASN A 202 11.36 12.15 0.81
C ASN A 202 12.35 11.79 -0.28
N VAL A 203 11.87 11.29 -1.42
CA VAL A 203 12.70 11.00 -2.59
C VAL A 203 11.89 11.30 -3.85
N PRO A 204 12.53 11.61 -4.97
CA PRO A 204 11.77 11.88 -6.20
C PRO A 204 10.98 10.65 -6.63
N ARG A 205 9.67 10.84 -6.80
CA ARG A 205 8.76 9.75 -7.11
C ARG A 205 9.18 9.07 -8.41
N ASN A 206 9.56 7.80 -8.34
CA ASN A 206 10.04 7.04 -9.49
C ASN A 206 9.40 5.65 -9.40
N PHE A 207 8.33 5.43 -10.17
CA PHE A 207 7.59 4.19 -10.08
C PHE A 207 8.45 2.98 -10.42
N HIS A 208 9.48 3.16 -11.25
CA HIS A 208 10.26 2.02 -11.71
C HIS A 208 11.10 1.43 -10.59
N LYS A 209 11.78 2.29 -9.84
CA LYS A 209 12.59 1.80 -8.72
C LYS A 209 11.71 1.20 -7.64
N SER A 210 10.54 1.81 -7.39
CA SER A 210 9.59 1.23 -6.47
C SER A 210 9.14 -0.15 -6.94
N LEU A 211 8.97 -0.32 -8.25
CA LEU A 211 8.57 -1.62 -8.77
C LEU A 211 9.68 -2.65 -8.58
N VAL A 212 10.94 -2.24 -8.80
CA VAL A 212 12.06 -3.17 -8.58
C VAL A 212 12.08 -3.62 -7.13
N LEU A 213 11.96 -2.67 -6.19
CA LEU A 213 12.02 -3.04 -4.78
C LEU A 213 10.84 -3.90 -4.37
N TYR A 214 9.63 -3.56 -4.83
CA TYR A 214 8.48 -4.39 -4.51
C TYR A 214 8.60 -5.76 -5.14
N ARG A 215 9.19 -5.87 -6.32
CA ARG A 215 9.37 -7.18 -6.93
C ARG A 215 10.32 -8.03 -6.10
N ASP A 216 11.42 -7.44 -5.63
CA ASP A 216 12.36 -8.20 -4.80
C ASP A 216 11.68 -8.66 -3.51
N ILE A 217 10.96 -7.75 -2.84
CA ILE A 217 10.32 -8.11 -1.59
C ILE A 217 9.27 -9.18 -1.80
N ALA A 218 8.45 -9.04 -2.85
CA ALA A 218 7.41 -10.02 -3.11
C ALA A 218 8.02 -11.37 -3.47
N GLU A 219 9.15 -11.37 -4.15
CA GLU A 219 9.83 -12.64 -4.45
C GLU A 219 10.30 -13.31 -3.18
N GLN A 220 10.89 -12.54 -2.27
CA GLN A 220 11.32 -13.14 -1.00
C GLN A 220 10.12 -13.68 -0.21
N LEU A 221 9.02 -12.92 -0.19
CA LEU A 221 7.84 -13.36 0.54
C LEU A 221 7.24 -14.62 -0.07
N ARG A 222 7.29 -14.74 -1.39
CA ARG A 222 6.79 -15.96 -2.03
C ARG A 222 7.71 -17.14 -1.74
N LYS A 223 9.03 -16.92 -1.78
CA LYS A 223 9.95 -18.00 -1.46
C LYS A 223 9.86 -18.41 0.01
N SER A 224 9.29 -17.55 0.86
CA SER A 224 9.11 -17.92 2.26
C SER A 224 8.09 -19.05 2.41
N TYR A 225 6.91 -18.90 1.80
CA TYR A 225 5.84 -19.87 1.96
C TYR A 225 6.18 -21.18 1.26
N SER A 226 6.01 -22.28 1.98
CA SER A 226 6.18 -23.59 1.38
C SER A 226 5.09 -23.84 0.34
N ARG A 227 5.23 -24.95 -0.39
CA ARG A 227 4.23 -25.29 -1.40
C ARG A 227 2.88 -25.59 -0.79
N ASP A 228 2.87 -26.34 0.32
CA ASP A 228 1.60 -26.74 0.94
C ASP A 228 0.87 -25.56 1.55
N GLU A 229 1.59 -24.54 2.02
CA GLU A 229 0.95 -23.34 2.53
C GLU A 229 0.58 -22.37 1.43
N TRP A 230 1.17 -22.51 0.25
CA TRP A 230 0.88 -21.60 -0.85
C TRP A 230 -0.33 -22.07 -1.65
N ASP A 231 -0.39 -23.35 -1.98
CA ASP A 231 -1.46 -23.87 -2.83
C ASP A 231 -2.64 -24.42 -2.03
N ILE A 232 -2.37 -25.28 -1.05
CA ILE A 232 -3.46 -25.95 -0.34
C ILE A 232 -4.24 -24.97 0.51
N VAL A 233 -3.59 -24.39 1.51
CA VAL A 233 -4.27 -23.54 2.48
C VAL A 233 -3.32 -22.46 2.95
N PHE A 234 -3.77 -21.23 2.91
CA PHE A 234 -2.93 -20.11 3.32
C PHE A 234 -2.97 -19.98 4.84
N PRO A 235 -1.82 -19.88 5.51
CA PRO A 235 -1.84 -19.75 6.96
C PRO A 235 -2.52 -18.46 7.38
N TYR A 236 -3.61 -18.59 8.12
CA TYR A 236 -4.50 -17.48 8.45
C TYR A 236 -3.94 -16.76 9.66
N TRP A 237 -3.31 -15.61 9.42
CA TRP A 237 -2.77 -14.79 10.50
C TRP A 237 -3.83 -13.78 10.88
N GLU A 238 -3.99 -13.56 12.19
CA GLU A 238 -5.00 -12.62 12.67
C GLU A 238 -4.62 -11.24 12.17
N SER A 239 -5.48 -10.65 11.34
CA SER A 239 -5.20 -9.37 10.73
C SER A 239 -5.53 -8.32 11.78
N TYR A 240 -4.49 -7.66 12.30
CA TYR A 240 -4.66 -6.47 13.12
C TYR A 240 -4.44 -5.22 12.30
N ASN A 241 -4.53 -5.34 10.97
CA ASN A 241 -4.38 -4.19 10.09
C ASN A 241 -5.36 -3.08 10.41
N VAL A 242 -6.41 -3.41 11.16
CA VAL A 242 -7.46 -2.45 11.56
C VAL A 242 -6.89 -1.23 12.27
N ARG A 243 -7.32 -0.02 11.89
CA ARG A 243 -6.79 1.17 12.53
C ARG A 243 -7.44 1.37 13.89
N ILE A 244 -6.75 2.14 14.73
CA ILE A 244 -7.34 2.69 15.94
C ILE A 244 -8.24 3.82 15.49
N SER A 245 -9.03 4.38 16.40
CA SER A 245 -9.96 5.46 16.08
C SER A 245 -11.05 5.02 15.13
N ASP A 246 -11.29 3.72 15.05
CA ASP A 246 -12.51 3.18 14.47
C ASP A 246 -13.29 2.34 15.46
N PHE A 247 -12.75 2.12 16.66
CA PHE A 247 -13.50 1.48 17.72
C PHE A 247 -14.42 2.46 18.43
N GLU A 248 -13.99 3.70 18.55
CA GLU A 248 -14.82 4.79 19.05
C GLU A 248 -15.58 5.37 17.85
N SER A 249 -16.11 6.58 17.99
CA SER A 249 -16.82 7.24 16.90
C SER A 249 -16.06 7.13 15.58
N GLY A 250 -14.89 7.74 15.50
CA GLY A 250 -14.14 7.75 14.27
C GLY A 250 -13.07 8.82 14.31
N LEU A 251 -12.48 9.05 13.14
CA LEU A 251 -11.42 10.06 13.05
C LEU A 251 -11.97 11.45 13.33
N LEU A 252 -13.08 11.81 12.71
CA LEU A 252 -13.77 13.05 13.00
C LEU A 252 -15.27 12.77 13.04
N GLY A 253 -15.87 12.96 14.20
CA GLY A 253 -17.31 12.80 14.36
C GLY A 253 -17.82 11.39 14.12
N LYS A 254 -19.07 11.15 14.52
CA LYS A 254 -19.73 9.87 14.28
C LYS A 254 -20.79 10.07 13.21
N GLY A 255 -20.81 9.16 12.23
CA GLY A 255 -21.70 9.33 11.09
C GLY A 255 -21.32 10.44 10.15
N LEU A 256 -20.31 11.24 10.49
CA LEU A 256 -19.82 12.33 9.64
C LEU A 256 -18.63 11.92 8.78
N ASN A 257 -17.83 10.95 9.22
CA ASN A 257 -16.64 10.58 8.49
C ASN A 257 -17.01 9.86 7.19
N SER A 258 -16.13 9.96 6.19
CA SER A 258 -16.43 9.47 4.85
C SER A 258 -15.90 8.07 4.60
N VAL A 259 -14.70 7.75 5.07
CA VAL A 259 -14.10 6.45 4.78
C VAL A 259 -14.90 5.36 5.47
N PRO A 260 -15.14 4.22 4.82
CA PRO A 260 -15.84 3.12 5.50
C PRO A 260 -15.04 2.62 6.68
N SER A 261 -15.65 2.64 7.86
CA SER A 261 -14.99 2.22 9.08
C SER A 261 -14.42 0.82 8.93
N SER A 262 -13.16 0.65 9.32
CA SER A 262 -12.45 -0.61 9.17
C SER A 262 -12.29 -1.26 10.54
N THR A 263 -13.34 -1.96 10.97
CA THR A 263 -13.30 -2.89 12.09
C THR A 263 -13.99 -4.14 11.56
N VAL A 264 -13.22 -5.00 10.89
CA VAL A 264 -13.82 -6.08 10.11
C VAL A 264 -14.46 -7.11 11.02
N ARG A 265 -13.77 -7.51 12.08
CA ARG A 265 -14.21 -8.59 12.95
C ARG A 265 -14.37 -8.08 14.37
N LYS A 266 -15.59 -8.20 14.92
CA LYS A 266 -15.85 -7.82 16.31
C LYS A 266 -16.96 -8.73 16.83
N ARG A 267 -16.56 -9.80 17.52
CA ARG A 267 -17.47 -10.72 18.21
C ARG A 267 -18.74 -10.97 17.41
N THR A 268 -18.55 -11.42 16.17
CA THR A 268 -19.67 -11.60 15.26
C THR A 268 -20.71 -12.53 15.86
N THR A 269 -21.95 -12.06 15.94
CA THR A 269 -23.04 -12.85 16.49
C THR A 269 -24.35 -12.32 15.94
N ARG A 270 -25.41 -13.10 16.13
CA ARG A 270 -26.74 -12.74 15.69
C ARG A 270 -27.76 -12.99 16.79
N UNK A 271 -13.10 -3.74 21.38
CA UNK A 271 -12.63 -2.83 22.41
C UNK A 271 -13.47 -1.56 22.43
N UNK A 272 -13.09 -0.60 23.27
CA UNK A 272 -13.79 0.68 23.36
C UNK A 272 -12.77 1.66 23.92
N UNK A 273 -12.45 2.69 23.15
CA UNK A 273 -11.42 3.64 23.56
C UNK A 273 -12.03 4.68 24.48
N UNK A 274 -11.16 5.41 25.17
CA UNK A 274 -11.56 6.51 26.04
C UNK A 274 -10.37 7.44 26.17
N UNK A 275 -10.61 8.74 25.99
CA UNK A 275 -9.53 9.71 26.08
C UNK A 275 -9.19 9.96 27.55
N UNK A 276 -8.03 10.56 27.76
CA UNK A 276 -7.55 10.91 29.09
C UNK A 276 -6.89 12.27 29.07
N UNK A 277 -7.08 13.03 30.15
CA UNK A 277 -6.52 14.37 30.28
C UNK A 277 -6.93 15.27 29.11
N ASP A 278 -37.38 -22.24 22.57
CA ASP A 278 -36.91 -21.07 23.32
C ASP A 278 -35.49 -21.30 23.83
N ALA A 279 -35.23 -22.50 24.35
CA ALA A 279 -33.91 -22.85 24.90
C ALA A 279 -33.16 -23.84 24.00
N SER A 280 -33.76 -24.99 23.72
CA SER A 280 -33.07 -26.01 22.96
C SER A 280 -32.80 -25.57 21.53
N GLU A 281 -33.67 -24.74 20.96
CA GLU A 281 -33.42 -24.21 19.63
C GLU A 281 -32.23 -23.26 19.64
N ARG A 282 -32.30 -22.22 20.47
CA ARG A 282 -31.19 -21.27 20.60
C ARG A 282 -29.89 -21.94 21.04
N ARG A 283 -29.95 -23.16 21.57
CA ARG A 283 -28.73 -23.85 21.97
C ARG A 283 -27.77 -24.01 20.79
N ILE A 284 -28.29 -24.38 19.63
CA ILE A 284 -27.39 -24.64 18.49
C ILE A 284 -26.81 -23.34 17.95
N ILE A 285 -27.61 -22.26 17.96
CA ILE A 285 -27.06 -20.97 17.52
C ILE A 285 -25.97 -20.51 18.47
N ARG A 286 -26.20 -20.67 19.78
CA ARG A 286 -25.17 -20.29 20.75
C ARG A 286 -23.91 -21.12 20.55
N ILE A 287 -24.07 -22.44 20.41
CA ILE A 287 -22.92 -23.32 20.29
C ILE A 287 -22.22 -23.19 18.96
N TYR A 288 -22.86 -22.58 17.97
CA TYR A 288 -22.16 -22.25 16.73
C TYR A 288 -21.43 -20.93 16.81
N TYR A 289 -22.07 -19.90 17.38
CA TYR A 289 -21.43 -18.59 17.40
C TYR A 289 -20.27 -18.56 18.38
N ALA A 290 -20.39 -19.25 19.51
CA ALA A 290 -19.24 -19.37 20.41
C ALA A 290 -18.08 -20.06 19.70
N ALA A 291 -18.37 -21.12 18.96
CA ALA A 291 -17.32 -21.84 18.24
C ALA A 291 -16.66 -20.97 17.19
N LEU A 292 -17.46 -20.23 16.42
CA LEU A 292 -16.89 -19.37 15.38
C LEU A 292 -16.04 -18.27 16.00
N ASN A 293 -16.58 -17.54 16.97
CA ASN A 293 -15.80 -16.47 17.59
C ASN A 293 -14.64 -17.00 18.41
N ASP A 294 -14.58 -18.31 18.66
CA ASP A 294 -13.35 -18.92 19.17
C ASP A 294 -12.45 -19.43 18.06
N TYR A 295 -12.93 -19.47 16.81
CA TYR A 295 -12.08 -19.83 15.69
C TYR A 295 -11.47 -18.61 15.01
N LYS A 296 -12.30 -17.66 14.60
CA LYS A 296 -11.83 -16.40 14.03
C LYS A 296 -11.78 -15.36 15.13
N GLY A 297 -10.74 -15.45 15.96
CA GLY A 297 -10.63 -14.56 17.10
C GLY A 297 -10.67 -13.10 16.69
N THR A 298 -11.14 -12.26 17.61
CA THR A 298 -11.35 -10.85 17.35
C THR A 298 -10.15 -10.03 17.82
N TYR A 299 -10.29 -8.71 17.79
CA TYR A 299 -9.17 -7.84 18.14
C TYR A 299 -8.82 -7.98 19.62
N SER A 300 -9.81 -7.90 20.50
CA SER A 300 -9.53 -7.95 21.93
C SER A 300 -9.15 -9.37 22.35
N GLN A 301 -9.99 -10.35 22.02
CA GLN A 301 -9.74 -11.74 22.36
C GLN A 301 -9.29 -12.47 21.10
N SER A 302 -8.10 -13.05 21.14
CA SER A 302 -7.57 -13.77 20.00
C SER A 302 -8.26 -15.13 19.89
N ARG A 303 -7.78 -15.97 18.98
CA ARG A 303 -8.42 -17.24 18.71
C ARG A 303 -7.83 -18.34 19.59
N ASN A 304 -8.70 -19.27 19.99
CA ASN A 304 -8.32 -20.45 20.76
C ASN A 304 -8.88 -21.64 19.98
N CYS A 305 -8.11 -22.11 18.99
CA CYS A 305 -8.67 -23.03 18.01
C CYS A 305 -8.90 -24.41 18.59
N GLU A 306 -8.09 -24.83 19.57
CA GLU A 306 -8.27 -26.14 20.18
C GLU A 306 -9.65 -26.24 20.85
N ARG A 307 -10.03 -25.20 21.60
CA ARG A 307 -11.33 -25.21 22.25
C ARG A 307 -12.46 -25.22 21.23
N ALA A 308 -12.29 -24.50 20.12
CA ALA A 308 -13.32 -24.48 19.09
C ALA A 308 -13.47 -25.85 18.44
N LYS A 309 -12.36 -26.52 18.11
CA LYS A 309 -12.45 -27.84 17.53
C LYS A 309 -13.08 -28.82 18.52
N ASN A 310 -12.74 -28.70 19.80
CA ASN A 310 -13.36 -29.55 20.81
C ASN A 310 -14.87 -29.34 20.85
N LEU A 311 -15.30 -28.07 20.81
CA LEU A 311 -16.72 -27.77 20.85
C LEU A 311 -17.45 -28.33 19.63
N LEU A 312 -16.85 -28.18 18.45
CA LEU A 312 -17.49 -28.72 17.24
C LEU A 312 -17.57 -30.24 17.30
N GLU A 313 -16.50 -30.91 17.72
CA GLU A 313 -16.52 -32.36 17.81
C GLU A 313 -17.60 -32.82 18.78
N LEU A 314 -17.71 -32.14 19.92
CA LEU A 314 -18.71 -32.54 20.91
C LEU A 314 -20.12 -32.31 20.39
N THR A 315 -20.39 -31.14 19.79
CA THR A 315 -21.75 -30.88 19.32
C THR A 315 -22.13 -31.81 18.18
N TYR A 316 -21.16 -32.18 17.33
CA TYR A 316 -21.44 -33.17 16.30
C TYR A 316 -21.77 -34.51 16.92
N LYS A 317 -20.98 -34.96 17.89
CA LYS A 317 -21.23 -36.27 18.50
C LYS A 317 -22.55 -36.30 19.23
N GLU A 318 -23.00 -35.15 19.76
CA GLU A 318 -24.25 -35.13 20.51
C GLU A 318 -25.47 -34.75 19.67
N PHE A 319 -25.27 -34.34 18.41
CA PHE A 319 -26.41 -33.99 17.57
C PHE A 319 -26.63 -34.92 16.39
N GLN A 320 -25.60 -35.64 15.93
CA GLN A 320 -25.75 -36.44 14.73
C GLN A 320 -26.80 -37.55 14.81
N PRO A 321 -26.87 -38.36 15.88
CA PRO A 321 -27.75 -39.54 15.83
C PRO A 321 -29.20 -39.24 15.53
N HIS A 322 -29.72 -38.09 15.95
CA HIS A 322 -31.14 -37.76 15.80
C HIS A 322 -31.27 -36.43 15.08
N VAL A 323 -30.70 -36.36 13.88
CA VAL A 323 -30.73 -35.12 13.09
C VAL A 323 -32.15 -34.81 12.65
N ASP A 324 -32.97 -35.85 12.41
CA ASP A 324 -34.26 -35.64 11.77
C ASP A 324 -35.24 -34.82 12.59
N ASN A 325 -35.12 -34.83 13.92
CA ASN A 325 -36.00 -34.03 14.77
C ASN A 325 -35.40 -32.63 14.81
N LEU A 326 -35.81 -31.82 13.83
CA LEU A 326 -35.14 -30.57 13.55
C LEU A 326 -36.16 -29.48 13.25
N ASP A 327 -35.64 -28.26 13.19
CA ASP A 327 -36.31 -27.08 12.64
C ASP A 327 -35.42 -26.60 11.51
N PRO A 328 -35.97 -25.81 10.57
CA PRO A 328 -35.10 -25.25 9.52
C PRO A 328 -33.89 -24.52 10.06
N LEU A 329 -34.06 -23.63 11.05
CA LEU A 329 -32.93 -22.88 11.58
C LEU A 329 -31.95 -23.81 12.28
N GLN A 330 -32.46 -24.79 13.02
CA GLN A 330 -31.60 -25.72 13.74
C GLN A 330 -30.74 -26.53 12.77
N VAL A 331 -31.36 -27.14 11.76
CA VAL A 331 -30.58 -27.94 10.81
C VAL A 331 -29.64 -27.05 10.01
N PHE A 332 -30.06 -25.82 9.75
CA PHE A 332 -29.21 -24.88 9.02
C PHE A 332 -27.91 -24.61 9.80
N TYR A 333 -28.05 -24.21 11.06
CA TYR A 333 -26.84 -23.89 11.83
C TYR A 333 -26.07 -25.14 12.23
N TYR A 334 -26.72 -26.30 12.32
CA TYR A 334 -25.96 -27.53 12.54
C TYR A 334 -25.16 -27.91 11.31
N VAL A 335 -25.70 -27.69 10.11
CA VAL A 335 -24.93 -27.90 8.90
C VAL A 335 -23.76 -26.94 8.85
N ARG A 336 -23.98 -25.70 9.29
CA ARG A 336 -22.87 -24.75 9.36
C ARG A 336 -21.79 -25.22 10.33
N CYS A 337 -22.19 -25.71 11.51
CA CYS A 337 -21.24 -26.28 12.46
C CYS A 337 -20.48 -27.45 11.85
N LEU A 338 -21.18 -28.30 11.11
CA LEU A 338 -20.53 -29.47 10.53
C LEU A 338 -19.52 -29.05 9.48
N GLN A 339 -19.86 -28.05 8.67
CA GLN A 339 -18.91 -27.53 7.69
C GLN A 339 -17.68 -26.93 8.37
N LEU A 340 -17.90 -26.20 9.47
CA LEU A 340 -16.76 -25.62 10.19
C LEU A 340 -15.88 -26.71 10.78
N LEU A 341 -16.46 -27.77 11.33
CA LEU A 341 -15.66 -28.85 11.87
C LEU A 341 -14.91 -29.58 10.77
N GLY A 342 -15.53 -29.76 9.62
CA GLY A 342 -14.81 -30.35 8.49
C GLY A 342 -13.64 -29.49 8.07
N HIS A 343 -13.83 -28.17 8.06
CA HIS A 343 -12.73 -27.28 7.69
C HIS A 343 -11.61 -27.34 8.72
N MET A 344 -11.94 -27.46 9.99
CA MET A 344 -10.90 -27.58 11.01
C MET A 344 -10.16 -28.91 10.90
N TYR A 345 -10.86 -29.99 10.56
CA TYR A 345 -10.17 -31.27 10.37
C TYR A 345 -9.29 -31.25 9.13
N PHE A 346 -9.73 -30.59 8.06
CA PHE A 346 -8.94 -30.59 6.84
C PHE A 346 -7.73 -29.67 6.96
N THR A 347 -7.93 -28.47 7.51
CA THR A 347 -6.83 -27.50 7.58
C THR A 347 -5.72 -27.99 8.51
N GLY A 348 -6.09 -28.65 9.60
CA GLY A 348 -5.13 -29.05 10.61
C GLY A 348 -5.07 -28.13 11.81
N GLU A 349 -5.82 -27.04 11.80
CA GLU A 349 -5.83 -26.11 12.93
C GLU A 349 -6.59 -26.75 14.09
N GLY A 350 -5.94 -26.85 15.23
CA GLY A 350 -6.56 -27.38 16.42
C GLY A 350 -6.18 -28.82 16.77
N SER A 351 -5.10 -29.33 16.21
CA SER A 351 -4.67 -30.70 16.50
C SER A 351 -3.20 -30.81 16.09
N SER A 352 -2.70 -32.05 16.10
CA SER A 352 -1.32 -32.30 15.72
C SER A 352 -1.17 -32.40 14.20
N LYS A 353 -2.16 -32.98 13.53
CA LYS A 353 -2.05 -33.30 12.12
C LYS A 353 -3.43 -33.17 11.47
N PRO A 354 -3.48 -32.99 10.16
CA PRO A 354 -4.78 -33.00 9.48
C PRO A 354 -5.36 -34.41 9.42
N ASN A 355 -6.66 -34.50 9.63
CA ASN A 355 -7.40 -35.75 9.51
C ASN A 355 -8.19 -35.66 8.21
N ILE A 356 -7.55 -36.07 7.11
CA ILE A 356 -8.15 -35.85 5.79
C ILE A 356 -9.38 -36.72 5.59
N HIS A 357 -9.33 -37.98 6.05
CA HIS A 357 -10.45 -38.88 5.80
C HIS A 357 -11.66 -38.51 6.66
N MET A 358 -11.44 -38.21 7.94
CA MET A 358 -12.54 -37.74 8.78
C MET A 358 -13.08 -36.42 8.25
N ALA A 359 -12.21 -35.54 7.76
CA ALA A 359 -12.68 -34.28 7.19
C ALA A 359 -13.57 -34.54 5.98
N GLU A 360 -13.15 -35.45 5.09
CA GLU A 360 -13.96 -35.74 3.92
C GLU A 360 -15.30 -36.36 4.30
N GLU A 361 -15.29 -37.27 5.27
CA GLU A 361 -16.54 -37.88 5.70
C GLU A 361 -17.50 -36.84 6.28
N ILE A 362 -17.02 -36.03 7.22
CA ILE A 362 -17.86 -35.00 7.83
C ILE A 362 -18.35 -34.01 6.79
N LEU A 363 -17.50 -33.64 5.84
CA LEU A 363 -17.89 -32.66 4.83
C LEU A 363 -18.94 -33.21 3.88
N THR A 364 -18.78 -34.46 3.43
CA THR A 364 -19.80 -34.99 2.53
C THR A 364 -21.09 -35.27 3.27
N THR A 365 -21.01 -35.61 4.57
CA THR A 365 -22.23 -35.75 5.36
C THR A 365 -22.95 -34.41 5.50
N SER A 366 -22.19 -33.34 5.74
CA SER A 366 -22.79 -32.01 5.76
C SER A 366 -23.37 -31.64 4.41
N LEU A 367 -22.70 -32.06 3.34
CA LEU A 367 -23.20 -31.77 2.00
C LEU A 367 -24.53 -32.47 1.74
N GLU A 368 -24.67 -33.70 2.23
CA GLU A 368 -25.96 -34.40 2.10
C GLU A 368 -27.04 -33.74 2.95
N ILE A 369 -26.73 -33.48 4.23
CA ILE A 369 -27.70 -32.87 5.13
C ILE A 369 -28.06 -31.47 4.68
N SER A 370 -27.23 -30.83 3.86
CA SER A 370 -27.53 -29.52 3.32
C SER A 370 -28.26 -29.60 1.98
N ARG A 371 -27.90 -30.58 1.15
CA ARG A 371 -28.71 -30.90 -0.03
C ARG A 371 -30.16 -31.08 0.36
N ARG A 372 -30.40 -31.81 1.44
CA ARG A 372 -31.69 -31.75 2.09
C ARG A 372 -31.84 -30.38 2.76
N ALA A 373 -32.95 -29.70 2.45
CA ALA A 373 -33.32 -28.40 3.03
C ALA A 373 -32.41 -27.26 2.58
N GLN A 374 -31.69 -27.45 1.46
CA GLN A 374 -30.98 -26.39 0.72
C GLN A 374 -30.30 -25.38 1.65
N GLY A 375 -29.36 -25.87 2.45
CA GLY A 375 -28.57 -25.04 3.31
C GLY A 375 -27.33 -24.51 2.61
N PRO A 376 -26.30 -24.16 3.39
CA PRO A 376 -25.08 -23.61 2.80
C PRO A 376 -24.15 -24.71 2.29
N ILE A 377 -23.55 -24.46 1.13
CA ILE A 377 -22.73 -25.47 0.46
C ILE A 377 -21.41 -24.87 0.00
N GLY A 378 -21.04 -23.71 0.53
CA GLY A 378 -19.81 -23.08 0.08
C GLY A 378 -18.53 -23.74 0.57
N ARG A 379 -18.25 -23.61 1.86
CA ARG A 379 -17.00 -24.14 2.40
C ARG A 379 -16.91 -25.64 2.22
N ALA A 380 -18.04 -26.34 2.31
CA ALA A 380 -18.04 -27.78 2.10
C ALA A 380 -17.52 -28.13 0.72
N CYS A 381 -18.05 -27.47 -0.31
CA CYS A 381 -17.63 -27.78 -1.67
C CYS A 381 -16.19 -27.35 -1.91
N ILE A 382 -15.78 -26.20 -1.39
CA ILE A 382 -14.40 -25.75 -1.60
C ILE A 382 -13.42 -26.74 -0.97
N ASP A 383 -13.69 -27.15 0.27
CA ASP A 383 -12.76 -28.05 0.94
C ASP A 383 -12.80 -29.44 0.32
N LEU A 384 -13.98 -29.91 -0.09
CA LEU A 384 -14.05 -31.18 -0.80
C LEU A 384 -13.23 -31.13 -2.09
N GLY A 385 -13.30 -30.00 -2.80
CA GLY A 385 -12.48 -29.85 -4.00
C GLY A 385 -11.00 -29.90 -3.68
N LEU A 386 -10.58 -29.16 -2.64
CA LEU A 386 -9.18 -29.17 -2.28
C LEU A 386 -8.71 -30.56 -1.86
N ILE A 387 -9.61 -31.38 -1.29
CA ILE A 387 -9.19 -32.70 -0.83
C ILE A 387 -9.06 -33.68 -1.99
N ASN A 388 -9.94 -33.61 -2.99
CA ASN A 388 -9.86 -34.54 -4.10
C ASN A 388 -9.13 -33.96 -5.31
N GLN A 389 -8.29 -32.94 -5.11
CA GLN A 389 -7.39 -32.46 -6.15
C GLN A 389 -5.92 -32.69 -5.86
N TYR A 390 -5.48 -32.45 -4.62
CA TYR A 390 -4.08 -32.63 -4.24
C TYR A 390 -3.86 -33.88 -3.40
N ILE A 391 -4.68 -34.10 -2.37
CA ILE A 391 -4.55 -35.31 -1.57
C ILE A 391 -4.84 -36.53 -2.41
N THR A 392 -6.06 -36.64 -2.91
CA THR A 392 -6.41 -37.60 -3.96
C THR A 392 -6.48 -36.84 -5.27
N ASN A 393 -6.33 -37.57 -6.37
CA ASN A 393 -6.05 -36.95 -7.67
C ASN A 393 -7.18 -37.12 -8.67
N ASN A 394 -8.42 -37.16 -8.20
CA ASN A 394 -9.59 -37.16 -9.10
C ASN A 394 -9.94 -35.73 -9.45
N ILE A 395 -9.29 -35.21 -10.50
CA ILE A 395 -9.37 -33.78 -10.79
C ILE A 395 -10.76 -33.40 -11.29
N SER A 396 -11.48 -34.32 -11.92
CA SER A 396 -12.79 -33.99 -12.47
C SER A 396 -13.77 -33.57 -11.38
N GLN A 397 -13.84 -34.35 -10.30
CA GLN A 397 -14.70 -33.98 -9.18
C GLN A 397 -14.26 -32.68 -8.55
N ALA A 398 -12.96 -32.41 -8.53
CA ALA A 398 -12.47 -31.14 -8.02
C ALA A 398 -12.99 -29.98 -8.86
N ILE A 399 -12.93 -30.12 -10.18
CA ILE A 399 -13.46 -29.08 -11.07
C ILE A 399 -14.96 -28.91 -10.83
N SER A 400 -15.68 -30.02 -10.63
CA SER A 400 -17.11 -29.92 -10.41
C SER A 400 -17.42 -29.17 -9.11
N TYR A 401 -16.68 -29.48 -8.05
CA TYR A 401 -16.90 -28.78 -6.79
C TYR A 401 -16.53 -27.30 -6.90
N TYR A 402 -15.46 -27.01 -7.62
CA TYR A 402 -15.09 -25.61 -7.84
C TYR A 402 -16.19 -24.85 -8.58
N MET A 403 -16.76 -25.46 -9.61
CA MET A 403 -17.84 -24.81 -10.33
C MET A 403 -19.09 -24.70 -9.48
N LYS A 404 -19.30 -25.64 -8.56
CA LYS A 404 -20.43 -25.53 -7.64
C LYS A 404 -20.23 -24.38 -6.66
N ALA A 405 -18.98 -24.14 -6.24
CA ALA A 405 -18.72 -23.21 -5.15
C ALA A 405 -18.34 -21.81 -5.62
N MET A 406 -18.02 -21.63 -6.90
CA MET A 406 -17.53 -20.33 -7.37
C MET A 406 -18.56 -19.22 -7.10
N LYS A 407 -19.81 -19.44 -7.47
CA LYS A 407 -20.82 -18.40 -7.37
C LYS A 407 -21.14 -18.04 -5.91
N THR A 408 -20.76 -18.89 -4.96
CA THR A 408 -21.15 -18.69 -3.58
C THR A 408 -20.38 -17.54 -2.95
N GLN A 409 -20.64 -17.32 -1.66
CA GLN A 409 -19.97 -16.30 -0.89
C GLN A 409 -18.87 -16.86 0.00
N ALA A 410 -18.94 -18.16 0.34
CA ALA A 410 -17.97 -18.74 1.26
C ALA A 410 -16.56 -18.66 0.71
N ASN A 411 -16.39 -18.63 -0.61
CA ASN A 411 -15.06 -18.46 -1.16
C ASN A 411 -14.68 -16.98 -1.19
N ASN A 412 -13.42 -16.72 -0.85
CA ASN A 412 -12.89 -15.40 -1.14
C ASN A 412 -12.18 -15.44 -2.49
N GLY A 413 -11.14 -16.24 -2.61
CA GLY A 413 -10.44 -16.34 -3.87
C GLY A 413 -9.96 -17.75 -4.21
N ILE A 414 -10.09 -18.67 -3.26
CA ILE A 414 -9.44 -19.98 -3.39
C ILE A 414 -9.91 -20.69 -4.65
N VAL A 415 -11.20 -20.61 -4.95
CA VAL A 415 -11.74 -21.35 -6.07
C VAL A 415 -11.17 -20.84 -7.39
N GLU A 416 -11.29 -19.54 -7.65
CA GLU A 416 -10.80 -18.99 -8.89
C GLU A 416 -9.29 -19.19 -9.02
N PHE A 417 -8.56 -19.08 -7.91
CA PHE A 417 -7.11 -19.25 -7.94
C PHE A 417 -6.74 -20.67 -8.35
N GLN A 418 -7.27 -21.67 -7.64
CA GLN A 418 -7.00 -23.05 -8.00
C GLN A 418 -7.44 -23.35 -9.42
N LEU A 419 -8.58 -22.80 -9.83
CA LEU A 419 -9.12 -23.10 -11.15
C LEU A 419 -8.25 -22.52 -12.25
N SER A 420 -7.70 -21.31 -12.03
CA SER A 420 -6.83 -20.73 -13.03
C SER A 420 -5.49 -21.48 -13.09
N LYS A 421 -4.98 -21.91 -11.93
CA LYS A 421 -3.78 -22.74 -11.96
C LYS A 421 -4.01 -24.01 -12.77
N LEU A 422 -5.15 -24.66 -12.57
CA LEU A 422 -5.44 -25.88 -13.34
C LEU A 422 -5.59 -25.57 -14.82
N ALA A 423 -6.29 -24.48 -15.15
CA ALA A 423 -6.47 -24.12 -16.56
C ALA A 423 -5.13 -23.84 -17.23
N THR A 424 -4.20 -23.21 -16.50
CA THR A 424 -2.85 -23.05 -17.03
C THR A 424 -2.18 -24.41 -17.21
N SER A 425 -2.38 -25.32 -16.26
CA SER A 425 -1.78 -26.64 -16.37
C SER A 425 -2.47 -27.47 -17.46
N PHE A 426 -3.80 -27.52 -17.42
CA PHE A 426 -4.59 -28.31 -18.38
C PHE A 426 -5.39 -27.39 -19.26
N PRO A 427 -4.95 -27.11 -20.49
CA PRO A 427 -5.69 -26.17 -21.34
C PRO A 427 -6.86 -26.80 -22.10
N GLU A 428 -6.99 -28.13 -22.10
CA GLU A 428 -8.05 -28.77 -22.87
C GLU A 428 -9.37 -28.85 -22.11
N GLU A 429 -9.36 -28.65 -20.79
CA GLU A 429 -10.58 -28.78 -20.02
C GLU A 429 -11.55 -27.63 -20.24
N LYS A 430 -11.14 -26.60 -20.96
CA LYS A 430 -12.00 -25.45 -21.26
C LYS A 430 -12.55 -24.80 -19.99
N ILE A 431 -11.75 -24.82 -18.94
CA ILE A 431 -12.15 -24.20 -17.66
C ILE A 431 -11.65 -22.76 -17.72
N GLY A 432 -12.46 -21.91 -18.35
CA GLY A 432 -12.17 -20.48 -18.47
C GLY A 432 -10.82 -20.19 -19.11
N ASP A 433 -10.43 -18.92 -19.00
CA ASP A 433 -9.11 -18.48 -19.36
C ASP A 433 -8.33 -18.17 -18.09
N PRO A 434 -7.08 -18.62 -17.97
CA PRO A 434 -6.37 -18.44 -16.68
C PRO A 434 -6.23 -17.00 -16.26
N PHE A 435 -5.95 -16.10 -17.19
CA PHE A 435 -5.72 -14.70 -16.84
C PHE A 435 -6.96 -14.09 -16.19
N ASN A 436 -8.13 -14.29 -16.79
CA ASN A 436 -9.35 -13.70 -16.25
C ASN A 436 -9.69 -14.29 -14.89
N LEU A 437 -9.45 -15.58 -14.70
CA LEU A 437 -9.75 -16.20 -13.41
C LEU A 437 -8.80 -15.69 -12.33
N MET A 438 -7.53 -15.53 -12.65
CA MET A 438 -6.60 -14.96 -11.68
C MET A 438 -6.98 -13.51 -11.37
N GLU A 439 -7.46 -12.77 -12.37
CA GLU A 439 -7.88 -11.41 -12.12
C GLU A 439 -9.09 -11.37 -11.19
N THR A 440 -10.03 -12.30 -11.36
CA THR A 440 -11.14 -12.39 -10.44
C THR A 440 -10.67 -12.72 -9.03
N ALA A 441 -9.76 -13.69 -8.90
CA ALA A 441 -9.26 -14.07 -7.59
C ALA A 441 -8.52 -12.92 -6.92
N TYR A 442 -7.84 -12.09 -7.71
CA TYR A 442 -7.21 -10.89 -7.15
C TYR A 442 -8.27 -9.89 -6.68
N LEU A 443 -9.19 -9.52 -7.58
CA LEU A 443 -10.22 -8.54 -7.23
C LEU A 443 -11.00 -8.95 -5.99
N ASN A 444 -11.14 -10.25 -5.74
CA ASN A 444 -11.82 -10.70 -4.54
C ASN A 444 -11.02 -10.37 -3.28
N GLY A 445 -9.75 -10.73 -3.26
CA GLY A 445 -8.92 -10.37 -2.12
C GLY A 445 -8.06 -11.49 -1.57
N PHE A 446 -7.95 -12.60 -2.30
CA PHE A 446 -7.08 -13.69 -1.88
C PHE A 446 -5.63 -13.27 -2.04
N ILE A 447 -4.81 -13.56 -1.02
CA ILE A 447 -3.48 -12.97 -0.93
C ILE A 447 -2.51 -13.59 -1.94
N PRO A 448 -2.33 -14.92 -2.01
CA PRO A 448 -1.41 -15.45 -3.03
C PRO A 448 -1.85 -15.15 -4.44
N ALA A 449 -3.17 -15.02 -4.66
CA ALA A 449 -3.65 -14.64 -5.98
C ALA A 449 -3.12 -13.28 -6.38
N ILE A 450 -2.88 -12.39 -5.42
CA ILE A 450 -2.35 -11.07 -5.74
C ILE A 450 -0.96 -11.19 -6.36
N TYR A 451 -0.09 -11.99 -5.73
CA TYR A 451 1.25 -12.18 -6.26
C TYR A 451 1.21 -12.89 -7.60
N GLU A 452 0.39 -13.94 -7.71
CA GLU A 452 0.32 -14.66 -8.97
C GLU A 452 -0.18 -13.77 -10.10
N PHE A 453 -1.20 -12.96 -9.83
CA PHE A 453 -1.73 -12.08 -10.86
C PHE A 453 -0.76 -10.96 -11.19
N ALA A 454 0.00 -10.47 -10.21
CA ALA A 454 1.00 -9.46 -10.52
C ALA A 454 2.12 -10.03 -11.38
N VAL A 455 2.50 -11.29 -11.11
CA VAL A 455 3.47 -11.94 -11.99
C VAL A 455 2.90 -12.12 -13.39
N MET A 456 1.63 -12.50 -13.48
CA MET A 456 1.02 -12.73 -14.78
C MET A 456 0.82 -11.44 -15.57
N ILE A 457 0.68 -10.31 -14.88
CA ILE A 457 0.58 -9.04 -15.56
C ILE A 457 1.95 -8.43 -15.85
N GLU A 458 2.98 -8.81 -15.10
CA GLU A 458 4.33 -8.42 -15.44
C GLU A 458 4.88 -9.23 -16.61
N SER A 459 4.80 -10.56 -16.52
CA SER A 459 5.21 -11.44 -17.61
C SER A 459 4.06 -11.54 -18.61
N GLY A 460 3.79 -10.41 -19.27
CA GLY A 460 2.68 -10.35 -20.20
C GLY A 460 2.99 -9.41 -21.35
N MET A 461 2.01 -9.30 -22.25
CA MET A 461 2.12 -8.42 -23.41
C MET A 461 1.67 -7.03 -22.96
N ASN A 462 1.38 -6.17 -23.94
CA ASN A 462 0.94 -4.81 -23.66
C ASN A 462 -0.13 -4.76 -22.57
N SER A 463 -1.29 -5.36 -22.85
CA SER A 463 -2.32 -5.66 -21.85
C SER A 463 -2.63 -4.49 -20.92
N LYS A 464 -2.35 -3.27 -21.36
CA LYS A 464 -2.45 -2.08 -20.50
C LYS A 464 -1.78 -2.32 -19.15
N SER A 465 -0.60 -2.93 -19.18
CA SER A 465 0.14 -3.25 -17.97
C SER A 465 1.14 -2.13 -17.66
N SER A 466 0.60 -0.95 -17.40
CA SER A 466 1.42 0.20 -17.08
C SER A 466 2.25 -0.07 -15.83
N VAL A 467 3.41 0.60 -15.74
CA VAL A 467 4.31 0.37 -14.63
C VAL A 467 3.67 0.79 -13.31
N GLU A 468 2.81 1.81 -13.34
CA GLU A 468 2.09 2.21 -12.14
C GLU A 468 1.17 1.09 -11.66
N ASN A 469 0.49 0.42 -12.58
CA ASN A 469 -0.43 -0.65 -12.18
C ASN A 469 0.33 -1.85 -11.63
N THR A 470 1.46 -2.20 -12.23
CA THR A 470 2.25 -3.33 -11.71
C THR A 470 2.83 -3.00 -10.35
N ALA A 471 3.35 -1.78 -10.19
CA ALA A 471 3.82 -1.35 -8.87
C ALA A 471 2.71 -1.43 -7.85
N TYR A 472 1.49 -1.03 -8.23
CA TYR A 472 0.37 -1.08 -7.29
C TYR A 472 0.02 -2.52 -6.92
N LEU A 473 0.07 -3.43 -7.90
CA LEU A 473 -0.24 -4.83 -7.59
C LEU A 473 0.77 -5.42 -6.62
N PHE A 474 2.06 -5.22 -6.89
CA PHE A 474 3.07 -5.78 -6.00
C PHE A 474 3.03 -5.10 -4.63
N LYS A 475 2.73 -3.80 -4.59
CA LYS A 475 2.57 -3.12 -3.32
C LYS A 475 1.40 -3.70 -2.54
N THR A 476 0.30 -4.00 -3.23
CA THR A 476 -0.84 -4.60 -2.56
C THR A 476 -0.47 -5.95 -1.95
N PHE A 477 0.25 -6.77 -2.71
CA PHE A 477 0.67 -8.07 -2.17
C PHE A 477 1.54 -7.89 -0.93
N VAL A 478 2.61 -7.09 -1.05
CA VAL A 478 3.55 -6.94 0.06
C VAL A 478 2.84 -6.38 1.29
N ASP A 479 2.06 -5.32 1.11
CA ASP A 479 1.35 -4.72 2.22
C ASP A 479 0.27 -5.65 2.78
N LYS A 480 -0.23 -6.60 1.99
CA LYS A 480 -1.40 -7.35 2.39
C LYS A 480 -1.09 -8.70 3.05
N ASN A 481 0.03 -9.35 2.71
CA ASN A 481 0.29 -10.62 3.36
C ASN A 481 0.47 -10.43 4.87
N GLU A 482 1.19 -9.38 5.27
CA GLU A 482 1.07 -8.73 6.56
C GLU A 482 1.54 -9.59 7.74
N ALA A 483 1.93 -10.84 7.50
CA ALA A 483 2.43 -11.68 8.59
C ALA A 483 3.94 -11.65 8.72
N ILE A 484 4.66 -11.37 7.63
CA ILE A 484 6.11 -11.28 7.66
C ILE A 484 6.58 -9.83 7.63
N MET A 485 5.90 -8.97 6.88
CA MET A 485 6.32 -7.59 6.74
C MET A 485 6.01 -6.72 7.95
N ALA A 486 4.78 -6.79 8.45
CA ALA A 486 4.34 -5.96 9.57
C ALA A 486 3.69 -6.86 10.61
N PRO A 487 4.48 -7.68 11.31
CA PRO A 487 3.93 -8.46 12.42
C PRO A 487 3.81 -7.67 13.70
N LYS A 488 4.25 -6.42 13.70
CA LYS A 488 4.22 -5.59 14.90
C LYS A 488 2.96 -4.76 15.02
N LEU A 489 1.99 -4.95 14.13
CA LEU A 489 0.67 -4.39 14.38
C LEU A 489 0.04 -5.04 15.60
N ARG A 490 0.18 -6.37 15.72
CA ARG A 490 -0.31 -7.07 16.89
C ARG A 490 0.43 -6.63 18.15
N THR A 491 1.74 -6.42 18.05
CA THR A 491 2.49 -5.95 19.20
C THR A 491 2.08 -4.53 19.58
N ALA A 492 1.82 -3.68 18.59
CA ALA A 492 1.33 -2.33 18.87
C ALA A 492 0.01 -2.38 19.60
N PHE A 493 -0.92 -3.19 19.13
CA PHE A 493 -2.21 -3.30 19.80
C PHE A 493 -2.07 -3.86 21.20
N ALA A 494 -1.22 -4.87 21.38
CA ALA A 494 -1.03 -5.47 22.69
C ALA A 494 -0.45 -4.47 23.67
N ALA A 495 0.52 -3.67 23.22
CA ALA A 495 1.05 -2.63 24.08
C ALA A 495 0.05 -1.51 24.30
N LEU A 496 -0.89 -1.36 23.37
CA LEU A 496 -1.86 -0.28 23.49
C LEU A 496 -2.92 -0.60 24.53
N ILE A 497 -3.42 -1.83 24.56
CA ILE A 497 -4.57 -2.11 25.40
C ILE A 497 -4.15 -2.47 26.82
N ASN A 498 -2.86 -2.29 27.17
CA ASN A 498 -2.46 -2.31 28.58
C ASN A 498 -1.55 -1.12 28.91
N ASP A 499 -2.14 0.07 28.94
CA ASP A 499 -1.62 1.24 29.65
C ASP A 499 -0.29 1.73 29.08
N ARG A 500 0.25 1.06 28.07
CA ARG A 500 1.52 1.44 27.46
C ARG A 500 1.21 2.10 26.13
N SER A 501 0.69 3.33 26.19
CA SER A 501 0.28 4.02 24.97
C SER A 501 1.41 4.76 24.27
N GLU A 502 2.62 4.73 24.83
CA GLU A 502 3.74 5.39 24.16
C GLU A 502 4.51 4.43 23.28
N VAL A 503 4.74 3.21 23.76
CA VAL A 503 5.38 2.20 22.92
C VAL A 503 4.44 1.79 21.80
N ALA A 504 3.13 1.86 22.03
CA ALA A 504 2.20 1.67 20.92
C ALA A 504 2.37 2.74 19.87
N LEU A 505 2.58 3.99 20.30
CA LEU A 505 2.88 5.05 19.36
C LEU A 505 4.19 4.78 18.63
N TRP A 506 5.19 4.23 19.32
CA TRP A 506 6.45 3.94 18.64
C TRP A 506 6.28 2.87 17.59
N ALA A 507 5.56 1.79 17.91
CA ALA A 507 5.34 0.74 16.92
C ALA A 507 4.54 1.25 15.74
N TYR A 508 3.50 2.04 15.99
CA TYR A 508 2.71 2.57 14.89
C TYR A 508 3.51 3.60 14.08
N SER A 509 4.42 4.33 14.71
CA SER A 509 5.27 5.26 13.98
C SER A 509 6.37 4.56 13.21
N GLN A 510 6.72 3.34 13.61
CA GLN A 510 7.62 2.54 12.81
C GLN A 510 6.89 1.94 11.60
N LEU A 511 5.62 1.60 11.77
CA LEU A 511 4.85 1.06 10.65
C LEU A 511 4.34 2.15 9.72
N ALA A 512 4.25 3.40 10.20
CA ALA A 512 3.79 4.47 9.34
C ALA A 512 4.78 4.73 8.21
N GLU A 513 6.08 4.56 8.48
CA GLU A 513 7.06 4.67 7.42
C GLU A 513 6.83 3.61 6.35
N GLN A 514 6.51 2.39 6.76
CA GLN A 514 6.36 1.29 5.83
C GLN A 514 5.20 1.48 4.86
N GLY A 515 4.29 2.40 5.15
CA GLY A 515 3.22 2.72 4.24
C GLY A 515 1.87 2.12 4.56
N TYR A 516 1.69 1.55 5.75
CA TYR A 516 0.39 1.01 6.12
C TYR A 516 -0.55 2.15 6.47
N GLU A 517 -1.51 2.40 5.58
CA GLU A 517 -2.48 3.49 5.77
C GLU A 517 -3.03 3.50 7.19
N THR A 518 -3.48 2.34 7.66
CA THR A 518 -4.08 2.28 8.99
C THR A 518 -3.06 2.56 10.08
N ALA A 519 -1.84 2.08 9.92
CA ALA A 519 -0.80 2.40 10.89
C ALA A 519 -0.51 3.90 10.91
N GLN A 520 -0.52 4.52 9.73
CA GLN A 520 -0.29 5.96 9.66
C GLN A 520 -1.37 6.73 10.41
N VAL A 521 -2.64 6.46 10.08
CA VAL A 521 -3.71 7.21 10.73
C VAL A 521 -3.78 6.88 12.21
N SER A 522 -3.33 5.68 12.62
CA SER A 522 -3.38 5.31 14.03
C SER A 522 -2.30 6.03 14.82
N ALA A 523 -1.07 6.06 14.30
CA ALA A 523 -0.03 6.84 14.96
C ALA A 523 -0.43 8.30 15.04
N ALA A 524 -1.00 8.84 13.96
CA ALA A 524 -1.45 10.22 14.00
C ALA A 524 -2.50 10.43 15.08
N TYR A 525 -3.49 9.55 15.15
CA TYR A 525 -4.54 9.68 16.15
C TYR A 525 -3.98 9.58 17.56
N LEU A 526 -2.90 8.83 17.75
CA LEU A 526 -2.30 8.75 19.07
C LEU A 526 -1.50 10.00 19.40
N MET A 527 -0.95 10.68 18.40
CA MET A 527 -0.15 11.87 18.69
C MET A 527 -1.01 13.12 18.84
N TYR A 528 -2.10 13.23 18.09
CA TYR A 528 -2.96 14.39 18.17
C TYR A 528 -4.36 14.00 17.73
N GLN A 529 -5.31 14.04 18.66
CA GLN A 529 -6.70 13.69 18.38
C GLN A 529 -7.56 14.93 18.55
N LEU A 530 -8.56 15.07 17.68
CA LEU A 530 -9.33 16.29 17.62
C LEU A 530 -10.01 16.58 18.95
N PRO A 531 -9.95 17.82 19.44
CA PRO A 531 -10.61 18.15 20.70
C PRO A 531 -12.08 18.51 20.49
N TYR A 532 -12.90 18.07 21.43
CA TYR A 532 -14.32 18.38 21.40
C TYR A 532 -14.53 19.89 21.45
N GLU A 533 -15.71 20.32 20.99
CA GLU A 533 -16.05 21.73 21.10
C GLU A 533 -16.10 22.15 22.57
N PHE A 534 -15.73 23.41 22.82
CA PHE A 534 -15.66 23.95 24.18
C PHE A 534 -14.75 23.10 25.05
N GLU A 535 -13.51 22.93 24.60
CA GLU A 535 -12.48 22.22 25.35
C GLU A 535 -11.13 22.58 24.75
N ASP A 536 -10.15 22.80 25.62
CA ASP A 536 -8.84 23.22 25.16
C ASP A 536 -8.22 22.15 24.27
N PRO A 537 -7.52 22.54 23.21
CA PRO A 537 -6.91 21.55 22.32
C PRO A 537 -5.77 20.84 23.00
N PRO A 538 -5.29 19.73 22.44
CA PRO A 538 -4.17 19.02 23.06
C PRO A 538 -2.97 19.93 23.18
N ARG A 539 -2.11 19.62 24.17
CA ARG A 539 -0.94 20.44 24.47
C ARG A 539 0.34 19.68 24.12
N THR A 540 0.28 18.84 23.10
CA THR A 540 1.47 18.12 22.66
C THR A 540 2.56 19.07 22.21
N THR A 541 3.79 18.59 22.25
CA THR A 541 4.92 19.41 21.83
C THR A 541 4.84 19.71 20.34
N ASP A 542 5.51 20.80 19.94
CA ASP A 542 5.42 21.27 18.57
C ASP A 542 5.87 20.21 17.58
N GLN A 543 6.90 19.45 17.93
CA GLN A 543 7.34 18.35 17.07
C GLN A 543 6.23 17.32 16.89
N ARG A 544 5.51 17.02 17.97
CA ARG A 544 4.43 16.05 17.87
C ARG A 544 3.36 16.50 16.89
N LYS A 545 2.98 17.78 16.93
CA LYS A 545 1.95 18.26 16.02
C LYS A 545 2.48 18.32 14.58
N THR A 546 3.70 18.80 14.38
CA THR A 546 4.19 18.88 13.01
C THR A 546 4.49 17.51 12.43
N LEU A 547 4.52 16.45 13.24
CA LEU A 547 4.62 15.12 12.68
C LEU A 547 3.25 14.46 12.52
N ALA A 548 2.30 14.75 13.41
CA ALA A 548 0.95 14.25 13.20
C ALA A 548 0.34 14.84 11.93
N ILE A 549 0.66 16.10 11.62
CA ILE A 549 0.25 16.67 10.35
C ILE A 549 0.78 15.83 9.19
N SER A 550 2.04 15.40 9.28
CA SER A 550 2.64 14.64 8.20
C SER A 550 1.99 13.27 8.07
N TYR A 551 1.78 12.59 9.19
CA TYR A 551 1.14 11.27 9.13
C TYR A 551 -0.27 11.38 8.57
N TYR A 552 -1.01 12.41 8.97
CA TYR A 552 -2.35 12.59 8.44
C TYR A 552 -2.32 12.92 6.96
N THR A 553 -1.35 13.73 6.52
CA THR A 553 -1.26 14.04 5.10
C THR A 553 -0.94 12.80 4.27
N ARG A 554 -0.05 11.94 4.78
CA ARG A 554 0.22 10.69 4.08
C ARG A 554 -1.03 9.82 4.02
N ALA A 555 -1.72 9.66 5.15
CA ALA A 555 -2.93 8.85 5.16
C ALA A 555 -3.99 9.45 4.23
N PHE A 556 -3.96 10.77 4.04
CA PHE A 556 -4.90 11.39 3.12
C PHE A 556 -4.54 11.08 1.68
N LYS A 557 -3.24 11.15 1.35
CA LYS A 557 -2.81 10.80 0.00
C LYS A 557 -3.06 9.34 -0.30
N GLN A 558 -3.14 8.49 0.72
CA GLN A 558 -3.43 7.08 0.49
C GLN A 558 -4.87 6.88 0.01
N GLY A 559 -5.79 7.72 0.46
CA GLY A 559 -7.19 7.55 0.11
C GLY A 559 -8.14 7.90 1.24
N ASN A 560 -7.64 7.84 2.47
CA ASN A 560 -8.43 8.23 3.63
C ASN A 560 -8.70 9.72 3.49
N ILE A 561 -9.97 10.08 3.29
CA ILE A 561 -10.29 11.49 3.06
C ILE A 561 -10.36 12.20 4.39
N ASP A 562 -10.65 11.48 5.48
CA ASP A 562 -10.80 12.12 6.78
C ASP A 562 -9.48 12.62 7.33
N ALA A 563 -8.39 11.90 7.07
CA ALA A 563 -7.10 12.35 7.55
C ALA A 563 -6.73 13.71 6.97
N GLY A 564 -7.13 13.98 5.73
CA GLY A 564 -6.90 15.30 5.16
C GLY A 564 -7.61 16.38 5.95
N VAL A 565 -8.88 16.14 6.28
CA VAL A 565 -9.64 17.13 7.05
C VAL A 565 -9.04 17.33 8.43
N VAL A 566 -8.55 16.26 9.05
CA VAL A 566 -7.98 16.38 10.38
C VAL A 566 -6.64 17.11 10.34
N ALA A 567 -5.85 16.90 9.28
CA ALA A 567 -4.62 17.67 9.13
C ALA A 567 -4.92 19.14 8.91
N GLY A 568 -5.92 19.43 8.07
CA GLY A 568 -6.36 20.80 7.93
C GLY A 568 -6.82 21.40 9.25
N ASP A 569 -7.45 20.59 10.09
CA ASP A 569 -7.89 21.06 11.40
C ASP A 569 -6.71 21.35 12.30
N ILE A 570 -5.67 20.52 12.25
CA ILE A 570 -4.48 20.78 13.05
C ILE A 570 -3.82 22.09 12.61
N TYR A 571 -3.77 22.31 11.30
CA TYR A 571 -3.24 23.58 10.80
C TYR A 571 -4.11 24.75 11.24
N PHE A 572 -5.44 24.55 11.20
CA PHE A 572 -6.38 25.60 11.62
C PHE A 572 -6.22 25.94 13.09
N GLN A 573 -5.92 24.96 13.93
CA GLN A 573 -5.72 25.22 15.34
C GLN A 573 -4.53 26.13 15.59
N MET A 574 -3.44 25.90 14.86
CA MET A 574 -2.37 26.88 14.83
C MET A 574 -2.86 28.12 14.09
N GLN A 575 -2.16 29.23 14.30
CA GLN A 575 -2.50 30.45 13.57
C GLN A 575 -1.86 30.39 12.19
N ASN A 576 -2.11 29.32 11.45
CA ASN A 576 -1.52 29.09 10.12
C ASN A 576 -2.66 28.58 9.26
N TYR A 577 -3.30 29.48 8.52
CA TYR A 577 -4.48 29.16 7.73
C TYR A 577 -4.12 28.83 6.29
N SER A 578 -2.91 29.18 5.84
CA SER A 578 -2.57 29.05 4.43
C SER A 578 -2.58 27.59 3.99
N LYS A 579 -2.00 26.70 4.81
CA LYS A 579 -1.99 25.28 4.47
C LYS A 579 -3.34 24.64 4.72
N ALA A 580 -4.09 25.16 5.70
CA ALA A 580 -5.37 24.55 6.05
C ALA A 580 -6.34 24.63 4.89
N MET A 581 -6.43 25.79 4.24
CA MET A 581 -7.34 25.92 3.11
C MET A 581 -6.95 24.96 1.98
N ALA A 582 -5.65 24.74 1.80
CA ALA A 582 -5.19 23.81 0.77
C ALA A 582 -5.65 22.39 1.09
N LEU A 583 -5.43 21.95 2.32
CA LEU A 583 -5.89 20.62 2.71
C LEU A 583 -7.41 20.50 2.60
N TYR A 584 -8.13 21.55 2.98
CA TYR A 584 -9.58 21.48 2.92
C TYR A 584 -10.07 21.40 1.48
N GLN A 585 -9.43 22.12 0.56
CA GLN A 585 -9.80 22.00 -0.85
C GLN A 585 -9.48 20.61 -1.38
N GLY A 586 -8.31 20.08 -1.04
CA GLY A 586 -7.95 18.75 -1.48
C GLY A 586 -8.88 17.68 -0.95
N ALA A 587 -9.44 17.89 0.24
CA ALA A 587 -10.40 16.94 0.79
C ALA A 587 -11.79 17.15 0.23
N ALA A 588 -12.16 18.39 -0.07
CA ALA A 588 -13.50 18.67 -0.59
C ALA A 588 -13.63 18.20 -2.03
N LEU A 589 -12.54 18.21 -2.79
CA LEU A 589 -12.60 17.67 -4.14
C LEU A 589 -13.01 16.20 -4.17
N LYS A 590 -12.91 15.50 -3.03
CA LYS A 590 -13.34 14.12 -2.90
C LYS A 590 -14.70 13.99 -2.22
N TYR A 591 -15.50 15.05 -2.23
CA TYR A 591 -16.84 15.04 -1.65
C TYR A 591 -16.81 14.69 -0.16
N SER A 592 -16.18 15.56 0.62
CA SER A 592 -16.13 15.43 2.06
C SER A 592 -16.98 16.54 2.68
N ILE A 593 -18.08 16.14 3.32
CA ILE A 593 -19.04 17.10 3.86
C ILE A 593 -18.36 18.07 4.81
N GLN A 594 -17.67 17.53 5.82
CA GLN A 594 -17.03 18.38 6.82
C GLN A 594 -15.98 19.29 6.18
N ALA A 595 -15.28 18.80 5.15
CA ALA A 595 -14.29 19.64 4.47
C ALA A 595 -14.96 20.81 3.79
N ILE A 596 -16.05 20.56 3.06
CA ILE A 596 -16.77 21.63 2.37
C ILE A 596 -17.26 22.66 3.39
N TRP A 597 -17.87 22.19 4.47
CA TRP A 597 -18.40 23.11 5.48
C TRP A 597 -17.27 23.94 6.10
N ASN A 598 -16.17 23.29 6.47
CA ASN A 598 -15.09 24.04 7.09
C ASN A 598 -14.43 25.00 6.10
N LEU A 599 -14.45 24.68 4.82
CA LEU A 599 -13.99 25.62 3.81
C LEU A 599 -14.90 26.83 3.75
N GLY A 600 -16.21 26.61 3.83
CA GLY A 600 -17.14 27.72 3.92
C GLY A 600 -16.85 28.59 5.13
N TYR A 601 -16.59 27.96 6.28
CA TYR A 601 -16.27 28.72 7.48
C TYR A 601 -14.96 29.47 7.34
N MET A 602 -14.01 28.92 6.57
CA MET A 602 -12.79 29.64 6.25
C MET A 602 -13.11 30.90 5.45
N HIS A 603 -13.99 30.77 4.47
CA HIS A 603 -14.34 31.90 3.62
C HIS A 603 -15.07 33.00 4.40
N GLU A 604 -16.15 32.64 5.09
CA GLU A 604 -17.00 33.67 5.66
C GLU A 604 -16.34 34.40 6.83
N HIS A 605 -15.15 33.97 7.26
CA HIS A 605 -14.35 34.73 8.20
C HIS A 605 -13.12 35.29 7.49
N GLY A 606 -12.50 36.28 8.15
CA GLY A 606 -11.37 36.96 7.53
C GLY A 606 -10.16 36.08 7.33
N LEU A 607 -10.03 35.02 8.13
CA LEU A 607 -8.90 34.12 8.02
C LEU A 607 -8.89 33.42 6.65
N GLY A 608 -7.68 33.23 6.12
CA GLY A 608 -7.56 32.68 4.78
C GLY A 608 -7.86 33.74 3.75
N VAL A 609 -8.85 33.49 2.89
CA VAL A 609 -9.37 34.55 2.03
C VAL A 609 -10.17 35.53 2.88
N ASN A 610 -10.51 36.67 2.28
CA ASN A 610 -11.07 37.80 3.00
C ASN A 610 -12.53 38.01 2.63
N ARG A 611 -13.43 37.53 3.50
CA ARG A 611 -14.84 37.95 3.51
C ARG A 611 -15.50 37.81 2.14
N ASP A 612 -15.48 36.60 1.59
CA ASP A 612 -16.15 36.33 0.32
C ASP A 612 -17.49 35.63 0.62
N PHE A 613 -18.41 36.41 1.19
CA PHE A 613 -19.66 35.86 1.68
C PHE A 613 -20.42 35.09 0.60
N HIS A 614 -20.29 35.51 -0.66
CA HIS A 614 -21.00 34.83 -1.74
C HIS A 614 -20.52 33.38 -1.87
N LEU A 615 -19.21 33.18 -1.89
CA LEU A 615 -18.68 31.81 -1.95
C LEU A 615 -18.99 31.05 -0.67
N ALA A 616 -19.07 31.73 0.48
CA ALA A 616 -19.46 31.04 1.70
C ALA A 616 -20.86 30.47 1.57
N LYS A 617 -21.79 31.27 1.06
CA LYS A 617 -23.13 30.76 0.80
C LYS A 617 -23.10 29.65 -0.24
N ARG A 618 -22.24 29.78 -1.24
CA ARG A 618 -22.13 28.75 -2.26
C ARG A 618 -21.72 27.41 -1.64
N TYR A 619 -20.74 27.44 -0.74
CA TYR A 619 -20.27 26.21 -0.12
C TYR A 619 -21.30 25.64 0.84
N TYR A 620 -22.04 26.51 1.53
CA TYR A 620 -23.10 26.00 2.39
C TYR A 620 -24.21 25.34 1.58
N ASP A 621 -24.60 25.94 0.46
CA ASP A 621 -25.55 25.26 -0.41
C ASP A 621 -24.94 23.98 -0.98
N GLN A 622 -23.62 23.94 -1.17
CA GLN A 622 -22.98 22.73 -1.68
C GLN A 622 -23.11 21.58 -0.68
N VAL A 623 -22.78 21.84 0.59
CA VAL A 623 -22.94 20.82 1.61
C VAL A 623 -24.40 20.45 1.78
N SER A 624 -25.31 21.39 1.51
CA SER A 624 -26.73 21.04 1.49
C SER A 624 -27.04 20.03 0.38
N GLU A 625 -26.58 20.32 -0.85
CA GLU A 625 -26.94 19.48 -1.99
C GLU A 625 -26.30 18.10 -1.93
N HIS A 626 -25.08 18.00 -1.39
CA HIS A 626 -24.36 16.73 -1.46
C HIS A 626 -25.05 15.66 -0.62
N ASP A 627 -25.44 16.00 0.60
CA ASP A 627 -26.05 15.04 1.52
C ASP A 627 -27.26 15.68 2.18
N HIS A 628 -28.24 14.84 2.53
CA HIS A 628 -29.52 15.32 3.02
C HIS A 628 -29.54 15.55 4.52
N ARG A 629 -28.90 14.67 5.30
CA ARG A 629 -29.00 14.75 6.75
C ARG A 629 -28.47 16.07 7.28
N PHE A 630 -27.61 16.74 6.54
CA PHE A 630 -27.01 17.99 6.97
C PHE A 630 -27.75 19.21 6.45
N TYR A 631 -28.91 19.02 5.81
CA TYR A 631 -29.67 20.12 5.25
C TYR A 631 -29.92 21.23 6.27
N LEU A 632 -30.47 20.85 7.43
CA LEU A 632 -30.68 21.78 8.52
C LEU A 632 -29.41 22.54 8.85
N ALA A 633 -28.31 21.80 9.05
CA ALA A 633 -27.03 22.42 9.34
C ALA A 633 -26.68 23.47 8.32
N SER A 634 -26.69 23.10 7.04
CA SER A 634 -26.44 24.05 5.97
C SER A 634 -27.36 25.25 6.08
N LYS A 635 -28.67 25.00 6.11
CA LYS A 635 -29.63 26.09 6.18
C LYS A 635 -29.36 26.91 7.42
N LEU A 636 -29.22 26.24 8.56
CA LEU A 636 -29.00 26.96 9.82
C LEU A 636 -27.77 27.84 9.70
N SER A 637 -26.69 27.29 9.15
CA SER A 637 -25.49 28.08 8.93
C SER A 637 -25.75 29.32 8.09
N VAL A 638 -26.50 29.14 6.99
CA VAL A 638 -26.78 30.26 6.10
C VAL A 638 -27.54 31.32 6.88
N LEU A 639 -28.40 30.89 7.81
CA LEU A 639 -29.15 31.85 8.60
C LEU A 639 -28.20 32.83 9.28
N LYS A 640 -27.25 32.31 10.06
CA LYS A 640 -26.25 33.17 10.69
C LYS A 640 -25.55 34.03 9.66
N LEU A 641 -25.25 33.46 8.49
CA LEU A 641 -24.68 34.21 7.39
C LEU A 641 -25.55 35.43 7.11
N HIS A 642 -26.82 35.18 6.74
CA HIS A 642 -27.73 36.27 6.44
C HIS A 642 -27.80 37.25 7.59
N LEU A 643 -27.83 36.73 8.83
CA LEU A 643 -27.90 37.58 10.00
C LEU A 643 -26.81 38.63 9.98
N LYS A 644 -25.56 38.21 9.74
CA LYS A 644 -24.46 39.16 9.69
C LYS A 644 -24.74 40.24 8.66
N SER A 645 -25.16 39.84 7.45
CA SER A 645 -25.49 40.81 6.41
C SER A 645 -26.53 41.80 6.90
N TRP A 646 -27.58 41.29 7.58
CA TRP A 646 -28.63 42.17 8.05
C TRP A 646 -28.09 43.15 9.08
N LEU A 647 -27.16 42.70 9.93
CA LEU A 647 -26.53 43.64 10.85
C LEU A 647 -25.64 44.62 10.11
N THR A 648 -25.02 44.18 9.02
CA THR A 648 -24.31 45.13 8.15
C THR A 648 -25.28 46.11 7.51
N TRP A 649 -26.56 45.75 7.40
CA TRP A 649 -27.57 46.69 6.94
C TRP A 649 -27.93 47.70 8.01
N ILE A 650 -27.57 47.45 9.27
CA ILE A 650 -27.93 48.34 10.36
C ILE A 650 -26.78 49.29 10.71
N THR A 651 -25.56 48.79 10.77
CA THR A 651 -24.41 49.62 11.08
C THR A 651 -23.90 50.33 9.83
N PRO B 25 -1.20 22.04 -4.43
CA PRO B 25 -0.24 21.02 -4.01
C PRO B 25 -0.06 21.01 -2.50
N ILE B 26 0.20 19.83 -1.92
CA ILE B 26 0.33 19.67 -0.47
C ILE B 26 1.74 19.20 -0.17
N GLU B 27 2.37 19.85 0.81
CA GLU B 27 3.70 19.45 1.26
C GLU B 27 3.81 19.69 2.76
N ASP B 28 4.93 19.27 3.32
CA ASP B 28 5.20 19.42 4.76
C ASP B 28 6.70 19.27 4.99
N PRO B 29 7.24 19.93 6.01
CA PRO B 29 8.70 19.93 6.19
C PRO B 29 9.31 18.56 6.43
N ILE B 30 8.50 17.52 6.65
CA ILE B 30 9.04 16.18 6.80
C ILE B 30 9.12 15.44 5.47
N VAL B 31 8.41 15.91 4.45
CA VAL B 31 8.41 15.28 3.14
C VAL B 31 8.77 16.24 2.02
N SER B 32 8.65 17.56 2.22
CA SER B 32 8.92 18.53 1.16
C SER B 32 10.33 18.36 0.61
N ASN B 33 11.33 18.26 1.49
CA ASN B 33 12.69 18.05 1.02
C ASN B 33 12.81 16.69 0.36
N LYS B 34 13.67 16.60 -0.65
CA LYS B 34 13.84 15.38 -1.41
C LYS B 34 15.32 15.16 -1.67
N TYR B 35 15.78 13.93 -1.42
CA TYR B 35 17.18 13.56 -1.61
C TYR B 35 17.28 12.46 -2.65
N LEU B 36 18.49 12.26 -3.16
CA LEU B 36 18.76 11.25 -4.17
C LEU B 36 20.15 10.69 -3.91
N ILE B 37 20.22 9.43 -3.50
CA ILE B 37 21.50 8.80 -3.18
C ILE B 37 22.18 8.35 -4.45
N SER B 38 23.41 8.83 -4.66
CA SER B 38 24.20 8.47 -5.83
C SER B 38 25.50 7.85 -5.37
N TYR B 39 26.02 6.94 -6.20
CA TYR B 39 27.22 6.18 -5.88
C TYR B 39 28.39 6.66 -6.74
N ILE B 40 29.58 6.67 -6.13
CA ILE B 40 30.81 6.99 -6.84
C ILE B 40 31.90 6.01 -6.40
N ASP B 41 32.95 5.93 -7.20
CA ASP B 41 33.96 4.89 -7.03
C ASP B 41 34.84 5.17 -5.80
N GLU B 42 35.79 4.27 -5.56
CA GLU B 42 36.58 4.31 -4.34
C GLU B 42 37.69 5.35 -4.43
N ASP B 43 38.62 5.18 -5.37
CA ASP B 43 39.67 6.18 -5.55
C ASP B 43 39.09 7.49 -6.08
N ASP B 44 37.94 7.42 -6.76
CA ASP B 44 37.22 8.64 -7.12
C ASP B 44 36.87 9.43 -5.86
N TRP B 45 36.11 8.81 -4.95
CA TRP B 45 35.77 9.47 -3.69
C TRP B 45 37.02 9.91 -2.94
N SER B 46 38.10 9.14 -3.05
CA SER B 46 39.33 9.46 -2.32
C SER B 46 39.85 10.85 -2.68
N ASP B 47 39.69 11.27 -3.93
CA ASP B 47 40.21 12.57 -4.36
C ASP B 47 39.16 13.47 -5.02
N ARG B 48 37.88 13.20 -4.77
CA ARG B 48 36.82 14.07 -5.27
C ARG B 48 36.07 14.86 -4.21
N ILE B 49 35.71 14.23 -3.09
CA ILE B 49 35.07 14.94 -1.98
C ILE B 49 36.09 15.26 -0.90
N LEU B 50 37.02 14.35 -0.64
CA LEU B 50 37.90 14.48 0.52
C LEU B 50 38.97 15.54 0.35
N GLN B 51 39.34 15.88 -0.89
CA GLN B 51 40.45 16.80 -1.11
C GLN B 51 40.03 18.26 -1.09
N ASN B 52 38.79 18.56 -1.51
CA ASN B 52 38.32 19.93 -1.49
C ASN B 52 37.76 20.27 -0.11
N GLN B 53 38.12 21.45 0.39
CA GLN B 53 37.64 21.88 1.70
C GLN B 53 36.33 22.65 1.61
N SER B 54 36.12 23.36 0.49
CA SER B 54 34.89 24.13 0.33
C SER B 54 33.66 23.23 0.36
N VAL B 55 33.72 22.11 -0.36
CA VAL B 55 32.60 21.18 -0.34
C VAL B 55 32.43 20.58 1.04
N MET B 56 33.53 20.25 1.71
CA MET B 56 33.43 19.67 3.06
C MET B 56 32.78 20.65 4.02
N ASN B 57 32.98 21.95 3.82
CA ASN B 57 32.31 22.91 4.68
C ASN B 57 30.84 23.09 4.33
N SER B 58 30.43 22.70 3.12
CA SER B 58 29.03 22.79 2.70
C SER B 58 28.42 21.39 2.81
N GLY B 59 28.00 21.05 4.01
CA GLY B 59 27.53 19.71 4.33
C GLY B 59 28.47 19.04 5.33
N TYR B 60 28.28 17.72 5.48
CA TYR B 60 29.15 16.97 6.37
C TYR B 60 29.08 15.50 6.02
N ILE B 61 30.03 14.75 6.58
CA ILE B 61 30.23 13.34 6.25
C ILE B 61 29.70 12.47 7.37
N VAL B 62 29.10 11.34 7.00
CA VAL B 62 28.59 10.36 7.94
C VAL B 62 29.26 9.03 7.64
N ASN B 63 29.60 8.27 8.68
CA ASN B 63 30.32 7.02 8.55
C ASN B 63 29.46 5.88 9.05
N MET B 64 29.49 4.77 8.34
CA MET B 64 28.82 3.53 8.73
C MET B 64 29.78 2.52 9.33
N GLY B 65 30.97 2.95 9.76
CA GLY B 65 31.99 2.04 10.21
C GLY B 65 32.81 1.53 9.04
N ASP B 66 32.18 0.76 8.16
CA ASP B 66 32.81 0.34 6.92
C ASP B 66 32.83 1.51 5.95
N ASP B 67 33.34 1.26 4.73
CA ASP B 67 33.48 2.34 3.76
C ASP B 67 32.13 2.48 3.07
N LEU B 68 31.11 2.96 3.80
CA LEU B 68 29.84 3.34 3.20
C LEU B 68 29.62 4.80 3.62
N GLU B 69 30.70 5.49 3.97
CA GLU B 69 30.61 6.89 4.37
C GLU B 69 29.98 7.72 3.26
N CYS B 70 28.96 8.49 3.62
CA CYS B 70 28.24 9.33 2.68
C CYS B 70 28.34 10.79 3.10
N PHE B 71 28.56 11.67 2.14
CA PHE B 71 28.68 13.09 2.40
C PHE B 71 27.37 13.77 2.01
N ILE B 72 26.62 14.23 2.99
CA ILE B 72 25.32 14.84 2.77
C ILE B 72 25.48 16.36 2.72
N GLN B 73 24.72 16.98 1.82
CA GLN B 73 24.81 18.41 1.56
C GLN B 73 23.49 19.07 1.95
N ASN B 74 23.57 20.08 2.82
CA ASN B 74 22.39 20.79 3.30
C ASN B 74 22.17 22.05 2.49
N ALA B 75 20.90 22.35 2.19
CA ALA B 75 20.56 23.53 1.42
C ALA B 75 19.31 24.20 1.98
N SER B 92 2.75 37.05 -13.10
CA SER B 92 1.76 37.20 -14.16
C SER B 92 2.10 36.28 -15.33
N GLU B 93 3.38 36.10 -15.66
CA GLU B 93 3.79 35.24 -16.75
C GLU B 93 3.39 33.80 -16.43
N LYS B 94 3.67 33.38 -15.19
CA LYS B 94 3.33 32.05 -14.72
C LYS B 94 1.84 31.80 -14.90
N THR B 95 1.00 32.67 -14.35
CA THR B 95 -0.44 32.55 -14.45
C THR B 95 -0.93 32.64 -15.90
N ALA B 96 -0.31 33.49 -16.73
CA ALA B 96 -0.71 33.62 -18.12
C ALA B 96 -0.56 32.24 -18.78
N LEU B 97 0.49 31.49 -18.44
CA LEU B 97 0.70 30.16 -18.98
C LEU B 97 -0.35 29.20 -18.39
N LEU B 98 -0.73 29.32 -17.12
CA LEU B 98 -1.74 28.44 -16.50
C LEU B 98 -3.07 28.62 -17.23
N THR B 99 -3.53 29.87 -17.30
CA THR B 99 -4.78 30.27 -17.91
C THR B 99 -4.81 29.92 -19.40
N LYS B 100 -3.75 30.20 -20.17
CA LYS B 100 -3.74 29.85 -21.59
C LYS B 100 -3.73 28.34 -21.77
N THR B 101 -2.95 27.61 -20.97
CA THR B 101 -2.86 26.14 -21.05
C THR B 101 -4.25 25.53 -20.96
N LEU B 102 -5.03 25.91 -19.96
CA LEU B 102 -6.37 25.41 -19.75
C LEU B 102 -7.23 25.59 -21.00
N ASN B 103 -7.26 26.80 -21.56
CA ASN B 103 -8.05 27.14 -22.74
C ASN B 103 -7.65 26.34 -23.97
N GLN B 104 -6.38 26.49 -24.32
CA GLN B 104 -5.78 25.86 -25.48
C GLN B 104 -5.88 24.36 -25.41
N GLY B 105 -5.69 23.77 -24.23
CA GLY B 105 -5.77 22.35 -24.07
C GLY B 105 -7.18 21.89 -24.37
N VAL B 106 -8.21 22.46 -23.73
CA VAL B 106 -9.61 22.09 -23.96
C VAL B 106 -9.96 22.20 -25.44
N LYS B 107 -9.59 23.32 -26.06
CA LYS B 107 -9.89 23.52 -27.48
C LYS B 107 -9.19 22.47 -28.34
N THR B 108 -8.00 22.02 -27.94
CA THR B 108 -7.23 21.05 -28.69
C THR B 108 -7.82 19.65 -28.48
N ILE B 109 -8.32 19.36 -27.28
CA ILE B 109 -8.93 18.08 -26.96
C ILE B 109 -10.09 17.90 -27.92
N PHE B 110 -10.99 18.89 -27.93
CA PHE B 110 -12.15 18.90 -28.80
C PHE B 110 -11.76 18.80 -30.27
N ASP B 111 -10.63 19.38 -30.65
CA ASP B 111 -10.15 19.36 -32.03
C ASP B 111 -10.01 17.93 -32.55
N LYS B 112 -9.36 17.05 -31.78
CA LYS B 112 -9.17 15.65 -32.17
C LYS B 112 -10.40 14.83 -31.91
N LEU B 113 -11.06 15.05 -30.76
CA LEU B 113 -12.26 14.28 -30.45
C LEU B 113 -13.37 14.49 -31.47
N ASN B 114 -13.45 15.68 -32.07
CA ASN B 114 -14.49 16.03 -33.05
C ASN B 114 -14.62 15.01 -34.19
N GLU B 115 -13.54 14.31 -34.53
CA GLU B 115 -13.52 13.31 -35.58
C GLU B 115 -14.51 12.18 -35.31
N ARG B 116 -14.30 11.43 -34.21
CA ARG B 116 -15.12 10.28 -33.80
C ARG B 116 -15.02 10.05 -32.30
N CYS B 117 -15.60 9.06 -31.84
CA CYS B 117 -15.68 8.56 -30.47
C CYS B 117 -14.36 7.80 -30.18
N ILE B 118 -14.09 7.37 -29.05
CA ILE B 118 -12.97 6.55 -28.64
C ILE B 118 -13.52 5.44 -27.75
N PHE B 119 -12.76 4.37 -27.58
CA PHE B 119 -13.19 3.24 -26.77
C PHE B 119 -12.02 2.47 -26.19
N TYR B 120 -12.19 2.01 -24.95
CA TYR B 120 -11.17 1.25 -24.25
C TYR B 120 -11.81 0.06 -23.53
N GLN B 121 -11.40 -1.13 -23.93
CA GLN B 121 -11.86 -2.39 -23.36
C GLN B 121 -10.96 -2.62 -22.16
N ALA B 122 -11.51 -2.26 -21.00
CA ALA B 122 -10.94 -2.34 -19.67
C ALA B 122 -11.30 -3.71 -19.10
N GLY B 123 -10.55 -4.75 -19.48
CA GLY B 123 -10.79 -6.11 -19.02
C GLY B 123 -12.19 -6.53 -19.45
N PHE B 124 -13.11 -6.71 -18.49
CA PHE B 124 -14.49 -7.10 -18.77
C PHE B 124 -15.37 -5.93 -19.20
N TRP B 125 -15.05 -4.68 -18.84
CA TRP B 125 -15.87 -3.52 -19.22
C TRP B 125 -15.27 -2.79 -20.40
N ILE B 126 -16.10 -2.03 -21.08
CA ILE B 126 -15.73 -1.25 -22.23
C ILE B 126 -16.38 0.10 -21.99
N TYR B 127 -15.59 1.16 -22.16
CA TYR B 127 -16.06 2.53 -21.97
C TYR B 127 -15.88 3.28 -23.29
N GLU B 128 -16.98 3.79 -23.83
CA GLU B 128 -16.95 4.51 -25.10
C GLU B 128 -17.16 5.98 -24.83
N TYR B 129 -16.21 6.84 -25.22
CA TYR B 129 -16.32 8.28 -25.01
C TYR B 129 -16.49 9.00 -26.35
N CYS B 130 -17.53 9.83 -26.42
CA CYS B 130 -17.84 10.60 -27.63
C CYS B 130 -17.58 12.10 -27.44
N PRO B 131 -17.42 12.83 -28.56
CA PRO B 131 -17.16 14.27 -28.59
C PRO B 131 -18.36 15.14 -28.20
N GLY B 132 -18.66 15.17 -26.91
CA GLY B 132 -19.77 15.96 -26.41
C GLY B 132 -21.13 15.34 -26.67
N ILE B 133 -21.32 14.07 -26.29
CA ILE B 133 -22.59 13.37 -26.48
C ILE B 133 -23.04 12.83 -25.12
N GLU B 134 -22.38 11.79 -24.61
CA GLU B 134 -22.70 11.19 -23.31
C GLU B 134 -21.77 10.01 -23.12
N PHE B 135 -21.34 9.75 -21.89
CA PHE B 135 -20.39 8.71 -21.55
C PHE B 135 -21.09 7.60 -20.81
N VAL B 136 -20.82 6.37 -21.26
CA VAL B 136 -21.42 5.14 -20.76
C VAL B 136 -20.40 3.97 -20.78
N GLN B 137 -20.70 2.88 -20.07
CA GLN B 137 -19.88 1.66 -20.01
C GLN B 137 -20.81 0.52 -20.46
N PHE B 138 -20.44 -0.28 -21.46
CA PHE B 138 -21.28 -1.38 -21.94
C PHE B 138 -20.44 -2.63 -22.22
N HIS B 139 -21.08 -3.79 -22.34
CA HIS B 139 -20.39 -5.04 -22.65
C HIS B 139 -20.23 -5.15 -24.17
N GLY B 140 -19.28 -5.95 -24.67
CA GLY B 140 -19.01 -6.14 -26.09
C GLY B 140 -17.51 -6.10 -26.36
N ARG B 141 -17.13 -5.92 -27.63
CA ARG B 141 -15.78 -5.82 -28.18
C ARG B 141 -15.87 -4.98 -29.45
N VAL B 142 -14.74 -4.53 -30.00
CA VAL B 142 -14.69 -3.72 -31.22
C VAL B 142 -13.84 -4.43 -32.27
N ASN B 143 -14.18 -4.29 -33.55
CA ASN B 143 -13.45 -4.88 -34.67
C ASN B 143 -12.42 -3.85 -35.05
N THR B 144 -11.14 -4.09 -34.78
CA THR B 144 -10.05 -3.16 -35.08
C THR B 144 -10.07 -2.58 -36.50
N LYS B 145 -10.52 -3.36 -37.49
CA LYS B 145 -10.57 -2.96 -38.90
C LYS B 145 -11.53 -1.82 -39.22
N THR B 146 -12.69 -1.84 -38.58
CA THR B 146 -13.75 -0.85 -38.81
C THR B 146 -13.98 0.10 -37.64
N GLY B 147 -13.55 -0.34 -36.47
CA GLY B 147 -13.67 0.38 -35.21
C GLY B 147 -15.13 0.44 -34.76
N GLU B 148 -15.92 -0.62 -35.01
CA GLU B 148 -17.32 -0.69 -34.61
C GLU B 148 -17.52 -1.83 -33.61
N ILE B 149 -18.48 -1.69 -32.71
CA ILE B 149 -18.79 -2.67 -31.67
C ILE B 149 -19.51 -3.88 -32.32
N VAL B 150 -19.50 -5.02 -31.64
CA VAL B 150 -20.13 -6.28 -32.06
C VAL B 150 -21.67 -6.18 -32.00
N ASN B 151 -22.20 -5.48 -31.00
CA ASN B 151 -23.61 -5.23 -30.70
C ASN B 151 -23.67 -4.06 -29.74
N ARG B 152 -24.89 -3.60 -29.44
CA ARG B 152 -25.16 -2.53 -28.49
C ARG B 152 -26.04 -3.24 -27.47
N ASP B 153 -25.64 -3.20 -26.22
CA ASP B 153 -26.39 -3.89 -25.18
C ASP B 153 -27.45 -2.96 -24.60
N GLU B 154 -28.64 -2.98 -25.21
CA GLU B 154 -29.79 -2.17 -24.80
C GLU B 154 -30.16 -2.48 -23.34
N SER B 155 -29.79 -3.67 -22.87
CA SER B 155 -30.02 -4.22 -21.55
C SER B 155 -29.03 -3.70 -20.49
N LEU B 156 -27.84 -3.23 -20.88
CA LEU B 156 -26.82 -2.73 -19.97
C LEU B 156 -26.94 -1.21 -19.96
N VAL B 157 -27.77 -0.71 -19.05
CA VAL B 157 -28.03 0.70 -18.91
C VAL B 157 -27.15 1.30 -17.83
N TYR B 158 -26.12 2.04 -18.25
CA TYR B 158 -25.15 2.72 -17.41
C TYR B 158 -25.06 4.14 -17.90
N ARG B 159 -24.91 5.10 -16.98
CA ARG B 159 -24.81 6.51 -17.32
C ARG B 159 -23.70 7.09 -16.46
N LEU B 160 -22.64 7.56 -17.12
CA LEU B 160 -21.48 8.14 -16.45
C LEU B 160 -21.56 9.67 -16.44
N GLY B 161 -22.25 10.28 -17.40
CA GLY B 161 -22.39 11.74 -17.45
C GLY B 161 -22.66 12.22 -18.87
N LYS B 162 -23.29 13.39 -18.98
CA LYS B 162 -23.63 14.03 -20.24
C LYS B 162 -22.84 15.33 -20.36
N PRO B 163 -21.86 15.41 -21.27
CA PRO B 163 -21.08 16.61 -21.49
C PRO B 163 -21.97 17.62 -22.25
N LYS B 164 -21.46 18.79 -22.62
CA LYS B 164 -22.24 19.79 -23.35
C LYS B 164 -21.48 20.25 -24.57
N ALA B 165 -22.23 20.30 -25.67
CA ALA B 165 -21.79 20.69 -26.99
C ALA B 165 -21.03 22.01 -26.91
N ASN B 166 -21.59 22.99 -26.17
CA ASN B 166 -21.04 24.31 -25.95
C ASN B 166 -19.84 24.23 -24.99
N VAL B 167 -18.76 23.57 -25.39
CA VAL B 167 -17.56 23.41 -24.58
C VAL B 167 -17.04 24.75 -24.03
N GLU B 168 -17.25 25.84 -24.76
CA GLU B 168 -16.80 27.14 -24.29
C GLU B 168 -17.43 27.50 -22.93
N GLU B 169 -18.72 27.20 -22.79
CA GLU B 169 -19.46 27.48 -21.58
C GLU B 169 -18.98 26.73 -20.33
N ARG B 170 -18.61 25.47 -20.51
CA ARG B 170 -18.17 24.62 -19.40
C ARG B 170 -16.89 25.11 -18.70
N GLU B 171 -16.84 24.90 -17.39
CA GLU B 171 -15.69 25.28 -16.58
C GLU B 171 -14.76 24.09 -16.34
N PHE B 172 -13.46 24.33 -16.43
CA PHE B 172 -12.46 23.28 -16.26
C PHE B 172 -11.39 23.79 -15.31
N GLU B 173 -10.65 22.86 -14.72
CA GLU B 173 -9.57 23.16 -13.78
C GLU B 173 -8.25 22.61 -14.31
N LEU B 174 -7.14 23.21 -13.89
CA LEU B 174 -5.79 22.85 -14.25
C LEU B 174 -5.10 22.36 -12.97
N LEU B 175 -5.05 21.04 -12.77
CA LEU B 175 -4.45 20.36 -11.63
C LEU B 175 -3.16 19.68 -12.10
N TYR B 176 -2.55 18.89 -11.21
CA TYR B 176 -1.32 18.20 -11.54
C TYR B 176 -1.25 16.86 -10.84
N ASP B 177 -0.33 16.04 -11.33
CA ASP B 177 -0.08 14.68 -10.78
C ASP B 177 1.37 14.28 -11.09
N ASP B 178 1.72 13.00 -10.91
CA ASP B 178 3.09 12.52 -11.18
C ASP B 178 3.44 12.71 -12.65
N VAL B 179 2.50 12.42 -13.55
CA VAL B 179 2.73 12.53 -15.03
C VAL B 179 3.02 13.98 -15.41
N GLY B 180 2.28 14.93 -14.84
CA GLY B 180 2.46 16.36 -15.16
C GLY B 180 1.17 17.13 -14.96
N TYR B 181 1.04 18.31 -15.57
CA TYR B 181 -0.21 19.11 -15.40
C TYR B 181 -1.33 18.50 -16.27
N TYR B 182 -2.62 18.66 -15.89
CA TYR B 182 -3.73 18.10 -16.65
C TYR B 182 -5.00 18.93 -16.47
N ILE B 183 -5.94 18.75 -17.40
CA ILE B 183 -7.22 19.45 -17.41
C ILE B 183 -8.27 18.50 -16.84
N SER B 184 -9.09 19.00 -15.90
CA SER B 184 -10.15 18.27 -15.23
C SER B 184 -11.52 18.62 -15.79
N GLU B 185 -12.24 17.58 -16.19
CA GLU B 185 -13.58 17.70 -16.74
C GLU B 185 -14.57 16.86 -15.93
N ILE B 186 -15.48 17.52 -15.22
CA ILE B 186 -16.51 16.83 -14.46
C ILE B 186 -17.70 16.74 -15.38
N ILE B 187 -18.15 15.53 -15.71
CA ILE B 187 -19.31 15.33 -16.56
C ILE B 187 -20.44 14.91 -15.63
N GLY B 188 -21.38 15.81 -15.38
CA GLY B 188 -22.53 15.61 -14.52
C GLY B 188 -23.78 15.35 -15.34
N SER B 189 -24.92 15.70 -14.76
CA SER B 189 -26.26 15.55 -15.32
C SER B 189 -26.60 14.07 -15.34
N GLY B 190 -26.37 13.40 -14.20
CA GLY B 190 -26.62 11.99 -13.98
C GLY B 190 -27.70 11.86 -12.90
N ASP B 191 -28.29 10.67 -12.82
CA ASP B 191 -29.32 10.35 -11.85
C ASP B 191 -28.66 10.11 -10.50
N ILE B 192 -29.41 10.23 -9.42
CA ILE B 192 -28.95 10.00 -8.06
C ILE B 192 -28.89 8.50 -7.74
N CYS B 193 -27.83 8.09 -7.06
CA CYS B 193 -27.52 6.75 -6.60
C CYS B 193 -28.11 6.62 -5.21
N ASP B 194 -29.18 5.85 -5.06
CA ASP B 194 -29.90 5.62 -3.80
C ASP B 194 -28.99 5.13 -2.67
N VAL B 195 -27.87 4.49 -2.99
CA VAL B 195 -26.90 3.96 -2.02
C VAL B 195 -26.51 5.00 -0.98
N THR B 196 -26.17 6.20 -1.44
CA THR B 196 -25.78 7.32 -0.60
C THR B 196 -26.67 8.55 -0.84
N GLY B 197 -27.04 8.77 -2.09
CA GLY B 197 -27.88 9.90 -2.44
C GLY B 197 -27.09 10.96 -3.17
N ALA B 198 -26.22 10.52 -4.07
CA ALA B 198 -25.38 11.43 -4.86
C ALA B 198 -25.67 11.28 -6.34
N GLU B 199 -25.80 12.41 -7.03
CA GLU B 199 -26.08 12.38 -8.47
C GLU B 199 -24.93 11.72 -9.22
N ARG B 200 -25.29 10.92 -10.22
CA ARG B 200 -24.29 10.19 -11.00
C ARG B 200 -23.52 11.09 -11.97
N MET B 201 -22.19 11.06 -11.85
CA MET B 201 -21.32 11.84 -12.71
C MET B 201 -20.02 11.10 -12.90
N VAL B 202 -19.01 11.79 -13.43
CA VAL B 202 -17.71 11.16 -13.66
C VAL B 202 -16.67 12.28 -13.71
N GLU B 203 -15.44 11.97 -13.30
CA GLU B 203 -14.31 12.88 -13.29
C GLU B 203 -13.35 12.43 -14.39
N ILE B 204 -13.18 13.23 -15.43
CA ILE B 204 -12.30 12.93 -16.55
C ILE B 204 -11.06 13.79 -16.45
N GLN B 205 -9.90 13.21 -16.75
CA GLN B 205 -8.61 13.88 -16.72
C GLN B 205 -7.92 13.73 -18.07
N TYR B 206 -7.52 14.88 -18.62
CA TYR B 206 -6.82 14.92 -19.89
C TYR B 206 -5.32 15.11 -19.68
N VAL B 207 -4.55 14.10 -20.07
CA VAL B 207 -3.10 14.11 -19.93
C VAL B 207 -2.44 13.82 -21.30
N CYS B 208 -1.14 14.08 -21.41
CA CYS B 208 -0.44 13.82 -22.67
C CYS B 208 0.13 12.40 -22.72
N GLY B 209 -0.08 11.74 -23.84
CA GLY B 209 0.40 10.37 -24.03
C GLY B 209 1.84 10.29 -24.52
N GLY B 210 2.54 11.42 -24.54
CA GLY B 210 3.92 11.45 -24.99
C GLY B 210 4.00 11.25 -26.50
N SER B 211 4.84 10.32 -26.92
CA SER B 211 4.99 10.03 -28.34
C SER B 211 3.93 9.05 -28.82
N ASN B 212 2.69 9.52 -28.90
CA ASN B 212 1.57 8.70 -29.34
C ASN B 212 0.76 9.42 -30.41
N SER B 213 1.30 9.50 -31.62
CA SER B 213 0.61 10.18 -32.71
C SER B 213 -0.70 9.47 -33.06
N GLY B 214 -1.73 10.26 -33.34
CA GLY B 214 -3.02 9.71 -33.68
C GLY B 214 -4.17 10.57 -33.17
N PRO B 215 -5.38 10.01 -33.17
CA PRO B 215 -6.59 10.67 -32.72
C PRO B 215 -6.59 10.86 -31.20
N SER B 216 -6.97 9.82 -30.45
CA SER B 216 -7.03 9.82 -28.99
C SER B 216 -7.39 8.43 -28.47
N THR B 217 -6.96 8.08 -27.26
CA THR B 217 -7.22 6.80 -26.61
C THR B 217 -7.23 7.00 -25.08
N ILE B 218 -7.87 6.08 -24.35
CA ILE B 218 -7.99 6.08 -22.89
C ILE B 218 -6.93 5.14 -22.28
N GLN B 219 -6.52 5.43 -21.04
CA GLN B 219 -5.53 4.66 -20.30
C GLN B 219 -6.19 3.68 -19.34
N TRP B 220 -7.12 4.17 -18.53
CA TRP B 220 -7.83 3.40 -17.54
C TRP B 220 -9.11 4.16 -17.21
N VAL B 221 -10.11 3.43 -16.72
CA VAL B 221 -11.41 3.94 -16.33
C VAL B 221 -11.97 2.98 -15.28
N ARG B 222 -12.43 3.51 -14.13
CA ARG B 222 -13.00 2.72 -13.05
C ARG B 222 -13.84 3.57 -12.11
N GLU B 223 -14.66 2.93 -11.30
CA GLU B 223 -15.50 3.62 -10.33
C GLU B 223 -14.53 4.17 -9.28
N THR B 224 -14.79 5.35 -8.73
CA THR B 224 -13.96 5.96 -7.71
C THR B 224 -14.74 6.16 -6.42
N LYS B 225 -16.03 6.49 -6.53
CA LYS B 225 -16.91 6.72 -5.39
C LYS B 225 -18.13 5.87 -5.56
N ILE B 226 -19.09 6.03 -4.66
CA ILE B 226 -20.31 5.23 -4.73
C ILE B 226 -21.01 5.38 -6.09
N CYS B 227 -21.12 6.61 -6.60
CA CYS B 227 -21.77 6.90 -7.88
C CYS B 227 -20.87 7.67 -8.83
N VAL B 228 -19.59 7.79 -8.50
CA VAL B 228 -18.65 8.55 -9.30
C VAL B 228 -17.61 7.62 -9.89
N TYR B 229 -17.22 7.91 -11.11
CA TYR B 229 -16.23 7.17 -11.85
C TYR B 229 -15.11 8.13 -12.23
N GLU B 230 -13.96 7.59 -12.59
CA GLU B 230 -12.78 8.34 -13.00
C GLU B 230 -12.26 7.70 -14.28
N ALA B 231 -11.75 8.53 -15.19
CA ALA B 231 -11.21 8.15 -16.48
C ALA B 231 -10.05 9.09 -16.84
N GLN B 232 -9.03 8.58 -17.52
CA GLN B 232 -7.87 9.36 -17.92
C GLN B 232 -7.53 9.03 -19.37
N VAL B 233 -7.36 10.06 -20.21
CA VAL B 233 -7.01 9.85 -21.62
C VAL B 233 -5.63 10.40 -21.87
N THR B 234 -4.99 9.87 -22.89
CA THR B 234 -3.67 10.26 -23.31
C THR B 234 -3.76 10.66 -24.77
N ILE B 235 -3.31 11.88 -25.07
CA ILE B 235 -3.31 12.43 -26.42
C ILE B 235 -1.95 13.08 -26.67
N PRO B 236 -1.43 13.04 -27.91
CA PRO B 236 -0.13 13.62 -28.22
C PRO B 236 -0.18 15.14 -28.30
N GLU B 237 -1.27 15.70 -28.81
CA GLU B 237 -1.45 17.13 -28.99
C GLU B 237 -1.43 17.98 -27.72
N LEU B 238 -1.61 17.40 -26.52
CA LEU B 238 -1.57 18.20 -25.30
C LEU B 238 -0.14 18.61 -24.99
N CYS B 239 0.84 17.80 -25.38
CA CYS B 239 2.25 18.10 -25.13
C CYS B 239 2.71 19.46 -25.69
N ASN B 240 1.93 20.01 -26.62
CA ASN B 240 2.21 21.30 -27.23
C ASN B 240 2.25 22.37 -26.13
N LEU B 241 1.47 22.17 -25.07
CA LEU B 241 1.40 23.08 -23.93
C LEU B 241 2.52 22.64 -22.99
N GLU B 242 3.38 23.59 -22.65
CA GLU B 242 4.55 23.43 -21.79
C GLU B 242 4.26 22.69 -20.49
N LEU B 243 3.19 23.08 -19.78
CA LEU B 243 2.87 22.43 -18.50
C LEU B 243 2.42 20.97 -18.65
N LEU B 244 1.88 20.62 -19.81
CA LEU B 244 1.36 19.29 -20.16
C LEU B 244 2.38 18.49 -20.99
N ALA B 245 3.62 18.99 -21.11
CA ALA B 245 4.72 18.30 -21.83
C ALA B 245 5.01 16.97 -21.12
N LYS B 246 5.30 15.92 -21.87
CA LYS B 246 5.58 14.60 -21.29
C LYS B 246 6.98 14.52 -20.68
N ASN B 247 7.22 13.47 -19.90
CA ASN B 247 8.50 13.23 -19.24
C ASN B 247 8.98 14.40 -18.39
N GLU B 248 8.02 15.04 -17.71
CA GLU B 248 8.34 16.20 -16.89
C GLU B 248 7.97 16.01 -15.43
N ASP B 249 8.87 15.39 -14.68
CA ASP B 249 8.65 15.17 -13.26
C ASP B 249 9.67 16.01 -12.52
N GLN B 250 9.19 16.84 -11.60
CA GLN B 250 10.04 17.83 -10.95
C GLN B 250 11.09 17.16 -10.09
N LYS B 251 12.18 16.70 -10.72
CA LYS B 251 13.24 16.04 -9.97
C LYS B 251 14.29 17.10 -9.62
N ASN B 252 14.10 17.75 -8.48
CA ASN B 252 15.12 18.61 -7.89
C ASN B 252 15.42 18.10 -6.50
N ALA B 253 16.61 17.52 -6.32
CA ALA B 253 16.93 16.83 -5.08
C ALA B 253 18.34 17.19 -4.63
N SER B 254 18.48 17.49 -3.35
CA SER B 254 19.80 17.72 -2.77
C SER B 254 20.55 16.40 -2.82
N PRO B 255 21.64 16.31 -3.57
CA PRO B 255 22.27 15.00 -3.79
C PRO B 255 23.05 14.56 -2.57
N ILE B 256 23.06 13.26 -2.33
CA ILE B 256 23.79 12.64 -1.23
C ILE B 256 24.80 11.70 -1.85
N LEU B 257 26.08 12.02 -1.69
CA LEU B 257 27.16 11.27 -2.33
C LEU B 257 27.61 10.13 -1.43
N CYS B 258 27.55 8.90 -1.96
CA CYS B 258 28.02 7.71 -1.27
C CYS B 258 29.05 7.00 -2.14
N ARG B 259 29.81 6.11 -1.51
CA ARG B 259 30.83 5.34 -2.20
C ARG B 259 30.65 3.86 -1.89
N MET B 260 30.99 3.02 -2.88
CA MET B 260 30.84 1.58 -2.73
C MET B 260 31.87 1.05 -1.75
N PRO B 261 31.47 0.40 -0.67
CA PRO B 261 32.44 -0.14 0.29
C PRO B 261 33.14 -1.39 -0.24
N ALA B 262 32.37 -2.28 -0.85
CA ALA B 262 32.86 -3.59 -1.25
C ALA B 262 33.06 -3.76 -2.75
N LYS B 263 32.51 -2.85 -3.56
CA LYS B 263 32.64 -2.92 -5.03
C LYS B 263 32.07 -4.24 -5.57
N SER B 264 30.90 -4.60 -5.06
CA SER B 264 30.13 -5.76 -5.52
C SER B 264 30.98 -7.03 -5.53
N LYS B 265 31.54 -7.36 -4.37
CA LYS B 265 32.18 -8.66 -4.20
C LYS B 265 31.15 -9.74 -3.91
N ILE B 266 30.09 -9.39 -3.20
CA ILE B 266 28.95 -10.28 -2.99
C ILE B 266 27.86 -9.89 -3.98
N GLY B 267 26.89 -10.79 -4.16
CA GLY B 267 25.77 -10.52 -5.04
C GLY B 267 25.11 -9.21 -4.65
N SER B 268 25.11 -8.25 -5.57
CA SER B 268 24.61 -6.92 -5.27
C SER B 268 23.10 -6.99 -5.06
N ASN B 269 22.65 -6.46 -3.93
CA ASN B 269 21.23 -6.48 -3.62
C ASN B 269 20.48 -5.50 -4.52
N SER B 270 19.15 -5.65 -4.54
CA SER B 270 18.34 -4.82 -5.44
C SER B 270 18.48 -3.34 -5.12
N ILE B 271 18.73 -3.00 -3.85
CA ILE B 271 18.86 -1.59 -3.51
C ILE B 271 20.14 -1.03 -4.12
N ASP B 272 21.21 -1.83 -4.15
CA ASP B 272 22.41 -1.42 -4.87
C ASP B 272 22.14 -1.32 -6.36
N LEU B 273 21.30 -2.22 -6.88
CA LEU B 273 20.98 -2.20 -8.30
C LEU B 273 20.25 -0.93 -8.69
N ILE B 274 19.33 -0.46 -7.84
CA ILE B 274 18.57 0.76 -8.16
C ILE B 274 19.26 2.03 -7.70
N THR B 275 20.33 1.93 -6.90
CA THR B 275 21.12 3.11 -6.63
C THR B 275 22.30 3.26 -7.58
N LYS B 276 22.75 2.19 -8.22
CA LYS B 276 23.76 2.30 -9.26
C LYS B 276 23.13 2.58 -10.63
N TYR B 277 21.99 1.97 -10.89
CA TYR B 277 21.32 2.01 -12.19
C TYR B 277 19.93 2.61 -12.03
N GLU B 278 19.47 3.30 -13.06
CA GLU B 278 18.13 3.86 -13.07
C GLU B 278 17.23 2.94 -13.87
N PRO B 279 16.44 2.07 -13.25
CA PRO B 279 15.64 1.11 -14.01
C PRO B 279 14.50 1.79 -14.75
N ILE B 280 14.09 1.16 -15.85
CA ILE B 280 12.94 1.59 -16.63
C ILE B 280 12.22 0.31 -17.02
N PHE B 281 10.96 0.19 -16.61
CA PHE B 281 10.22 -1.05 -16.81
C PHE B 281 9.90 -1.14 -18.30
N LEU B 282 10.52 -2.09 -18.98
CA LEU B 282 10.31 -2.30 -20.41
C LEU B 282 9.19 -3.29 -20.67
N GLY B 283 8.39 -3.61 -19.66
CA GLY B 283 7.31 -4.55 -19.81
C GLY B 283 7.82 -5.98 -19.94
N SER B 284 6.86 -6.91 -19.98
CA SER B 284 7.11 -8.33 -20.18
C SER B 284 8.10 -8.89 -19.17
N GLY B 285 8.26 -8.23 -18.03
CA GLY B 285 9.18 -8.69 -17.03
C GLY B 285 10.63 -8.40 -17.30
N ILE B 286 10.93 -7.35 -18.07
CA ILE B 286 12.30 -6.99 -18.43
C ILE B 286 12.53 -5.53 -18.10
N TYR B 287 13.62 -5.24 -17.40
CA TYR B 287 13.99 -3.89 -17.02
C TYR B 287 15.23 -3.47 -17.79
N PHE B 288 15.39 -2.16 -17.97
CA PHE B 288 16.50 -1.59 -18.71
C PHE B 288 17.32 -0.76 -17.74
N LEU B 289 18.42 -1.31 -17.26
CA LEU B 289 19.25 -0.65 -16.25
C LEU B 289 20.23 0.28 -16.94
N ARG B 290 19.97 1.58 -16.85
CA ARG B 290 20.90 2.56 -17.38
C ARG B 290 21.83 3.04 -16.28
N PRO B 291 23.14 2.97 -16.47
CA PRO B 291 24.07 3.33 -15.40
C PRO B 291 24.15 4.82 -15.19
N PHE B 292 24.41 5.21 -13.93
CA PHE B 292 24.73 6.60 -13.65
C PHE B 292 26.15 6.93 -14.10
N ASN B 293 27.04 5.95 -14.08
CA ASN B 293 28.38 6.14 -14.63
C ASN B 293 28.28 6.25 -16.15
N THR B 294 28.60 7.43 -16.68
CA THR B 294 28.49 7.66 -18.11
C THR B 294 29.46 6.80 -18.92
N ASP B 295 30.52 6.29 -18.29
CA ASP B 295 31.48 5.48 -19.02
C ASP B 295 31.00 4.03 -19.18
N GLU B 296 30.38 3.48 -18.14
CA GLU B 296 29.97 2.08 -18.17
C GLU B 296 28.90 1.84 -19.23
N ARG B 297 28.59 0.57 -19.46
CA ARG B 297 27.62 0.15 -20.46
C ARG B 297 26.33 -0.28 -19.78
N ASP B 298 25.20 0.08 -20.40
CA ASP B 298 23.91 -0.30 -19.87
C ASP B 298 23.62 -1.77 -20.13
N LYS B 299 22.85 -2.38 -19.23
CA LYS B 299 22.56 -3.80 -19.33
C LYS B 299 21.11 -4.06 -19.00
N LEU B 300 20.47 -4.90 -19.80
CA LEU B 300 19.13 -5.36 -19.51
C LEU B 300 19.12 -6.19 -18.24
N MET B 301 17.92 -6.44 -17.73
CA MET B 301 17.74 -7.22 -16.52
C MET B 301 16.44 -7.99 -16.64
N VAL B 302 16.47 -9.27 -16.27
CA VAL B 302 15.30 -10.12 -16.34
C VAL B 302 14.87 -10.47 -14.93
N THR B 303 13.55 -10.56 -14.72
CA THR B 303 13.00 -10.89 -13.42
C THR B 303 12.01 -12.04 -13.45
N ASP B 304 11.45 -12.38 -14.59
CA ASP B 304 10.45 -13.44 -14.66
C ASP B 304 11.05 -14.78 -14.29
N ASN B 305 10.22 -15.64 -13.70
CA ASN B 305 10.68 -16.96 -13.28
C ASN B 305 10.77 -17.92 -14.45
N ALA B 306 9.81 -17.85 -15.39
CA ALA B 306 9.80 -18.76 -16.53
C ALA B 306 10.97 -18.52 -17.48
N MET B 307 11.79 -17.50 -17.23
CA MET B 307 13.00 -17.23 -18.00
C MET B 307 14.25 -17.39 -17.13
N SER B 308 14.27 -18.46 -16.33
CA SER B 308 15.40 -18.73 -15.44
C SER B 308 16.47 -19.56 -16.13
N ASN B 309 16.10 -20.74 -16.64
CA ASN B 309 17.05 -21.61 -17.31
C ASN B 309 17.42 -21.05 -18.68
N TRP B 310 18.67 -20.62 -18.82
CA TRP B 310 19.14 -20.08 -20.09
C TRP B 310 19.89 -21.09 -20.93
N ASP B 311 20.10 -22.31 -20.43
CA ASP B 311 20.77 -23.32 -21.24
C ASP B 311 19.90 -23.78 -22.40
N GLU B 312 18.58 -23.77 -22.24
CA GLU B 312 17.64 -23.98 -23.33
C GLU B 312 16.83 -22.70 -23.53
N ILE B 313 16.60 -22.35 -24.80
CA ILE B 313 15.92 -21.12 -25.17
C ILE B 313 14.69 -21.49 -25.98
N THR B 314 13.51 -21.14 -25.46
CA THR B 314 12.25 -21.48 -26.08
C THR B 314 11.66 -20.24 -26.77
N GLU B 315 10.48 -20.39 -27.36
CA GLU B 315 9.87 -19.29 -28.09
C GLU B 315 9.36 -18.20 -27.16
N THR B 316 9.05 -18.55 -25.91
CA THR B 316 8.56 -17.55 -24.98
C THR B 316 9.62 -16.50 -24.68
N TYR B 317 10.87 -16.92 -24.54
CA TYR B 317 11.97 -15.96 -24.36
C TYR B 317 12.01 -14.98 -25.51
N TYR B 318 11.95 -15.50 -26.75
CA TYR B 318 12.06 -14.64 -27.92
C TYR B 318 10.89 -13.68 -28.02
N GLN B 319 9.67 -14.15 -27.76
CA GLN B 319 8.51 -13.26 -27.84
C GLN B 319 8.56 -12.19 -26.75
N LYS B 320 8.92 -12.57 -25.53
CA LYS B 320 8.97 -11.60 -24.44
C LYS B 320 10.04 -10.55 -24.70
N PHE B 321 11.23 -10.98 -25.14
CA PHE B 321 12.28 -10.01 -25.43
C PHE B 321 11.94 -9.18 -26.66
N GLY B 322 11.18 -9.73 -27.61
CA GLY B 322 10.77 -8.93 -28.75
C GLY B 322 9.82 -7.82 -28.35
N ASN B 323 8.82 -8.14 -27.52
CA ASN B 323 7.93 -7.12 -27.00
C ASN B 323 8.72 -6.05 -26.23
N ALA B 324 9.62 -6.50 -25.35
CA ALA B 324 10.41 -5.55 -24.57
C ALA B 324 11.25 -4.65 -25.45
N ILE B 325 11.89 -5.22 -26.48
CA ILE B 325 12.76 -4.43 -27.34
C ILE B 325 11.95 -3.46 -28.18
N ASN B 326 10.79 -3.88 -28.67
CA ASN B 326 9.93 -2.95 -29.40
C ASN B 326 9.54 -1.77 -28.51
N LYS B 327 9.16 -2.06 -27.25
CA LYS B 327 8.81 -0.98 -26.35
C LYS B 327 10.01 -0.08 -26.07
N MET B 328 11.20 -0.66 -25.99
CA MET B 328 12.41 0.14 -25.76
C MET B 328 12.66 1.08 -26.91
N LEU B 329 12.78 0.54 -28.13
CA LEU B 329 13.02 1.38 -29.29
C LEU B 329 11.92 2.41 -29.51
N SER B 330 10.69 2.10 -29.07
CA SER B 330 9.64 3.11 -29.10
C SER B 330 9.91 4.20 -28.06
N LEU B 331 10.49 3.81 -26.92
CA LEU B 331 10.81 4.78 -25.88
C LEU B 331 12.04 5.61 -26.19
N ARG B 332 12.76 5.30 -27.27
CA ARG B 332 13.98 6.01 -27.65
C ARG B 332 15.03 5.94 -26.54
N LEU B 333 15.10 4.79 -25.86
CA LEU B 333 16.04 4.64 -24.77
C LEU B 333 17.46 4.42 -25.29
N VAL B 334 17.64 3.41 -26.17
CA VAL B 334 18.96 3.17 -26.73
C VAL B 334 19.38 4.38 -27.55
N SER B 335 20.65 4.75 -27.42
CA SER B 335 21.18 5.98 -28.02
C SER B 335 22.09 5.62 -29.17
N LEU B 336 21.75 6.08 -30.37
CA LEU B 336 22.63 5.93 -31.50
C LEU B 336 23.85 6.84 -31.31
N PRO B 337 25.06 6.35 -31.55
CA PRO B 337 26.24 7.21 -31.43
C PRO B 337 26.16 8.38 -32.41
N ASN B 338 26.69 9.52 -31.98
CA ASN B 338 26.57 10.77 -32.71
C ASN B 338 25.10 11.12 -32.91
N ASP B 346 23.07 5.80 -37.44
CA ASP B 346 23.73 4.72 -38.18
C ASP B 346 23.35 3.36 -37.63
N SER B 347 23.19 2.39 -38.54
CA SER B 347 22.81 1.04 -38.17
C SER B 347 24.00 0.31 -37.54
N CYS B 348 23.75 -0.35 -36.41
CA CYS B 348 24.79 -1.08 -35.71
C CYS B 348 24.17 -2.26 -34.98
N VAL B 349 25.02 -3.20 -34.59
CA VAL B 349 24.60 -4.30 -33.72
C VAL B 349 24.68 -3.83 -32.28
N TRP B 350 23.69 -4.25 -31.47
CA TRP B 350 23.59 -3.83 -30.08
C TRP B 350 23.75 -5.03 -29.17
N LEU B 351 24.78 -5.01 -28.33
CA LEU B 351 25.09 -6.10 -27.42
C LEU B 351 24.95 -5.61 -25.99
N ALA B 352 24.13 -6.31 -25.20
CA ALA B 352 23.87 -5.91 -23.82
C ALA B 352 23.72 -7.15 -22.97
N GLU B 353 24.04 -7.01 -21.69
CA GLU B 353 23.95 -8.12 -20.75
C GLU B 353 22.49 -8.43 -20.42
N VAL B 354 22.31 -9.48 -19.64
CA VAL B 354 21.06 -9.76 -18.94
C VAL B 354 21.43 -10.24 -17.55
N VAL B 355 20.83 -9.61 -16.53
CA VAL B 355 21.12 -9.95 -15.14
C VAL B 355 19.81 -10.25 -14.43
N ASP B 356 19.92 -10.92 -13.30
CA ASP B 356 18.77 -11.24 -12.47
C ASP B 356 18.56 -10.14 -11.44
N MET B 357 17.71 -10.39 -10.45
CA MET B 357 17.49 -9.42 -9.39
C MET B 357 18.77 -9.12 -8.60
N LYS B 358 19.76 -10.00 -8.68
CA LYS B 358 20.99 -9.87 -7.90
C LYS B 358 22.18 -9.50 -8.78
N ASP B 359 21.93 -8.99 -9.99
CA ASP B 359 22.98 -8.54 -10.91
C ASP B 359 23.94 -9.67 -11.27
N ARG B 360 23.41 -10.88 -11.44
CA ARG B 360 24.20 -12.02 -11.88
C ARG B 360 24.05 -12.17 -13.39
N PHE B 361 25.16 -12.07 -14.10
CA PHE B 361 25.15 -12.24 -15.56
C PHE B 361 24.61 -13.61 -15.92
N GLN B 362 23.70 -13.64 -16.89
CA GLN B 362 23.24 -14.92 -17.43
C GLN B 362 23.65 -15.13 -18.88
N THR B 363 23.27 -14.25 -19.79
CA THR B 363 23.66 -14.35 -21.20
C THR B 363 23.99 -12.95 -21.69
N THR B 364 24.19 -12.82 -23.00
CA THR B 364 24.33 -11.53 -23.65
C THR B 364 23.38 -11.50 -24.84
N LEU B 365 22.59 -10.43 -24.91
CA LEU B 365 21.61 -10.26 -25.97
C LEU B 365 22.25 -9.51 -27.14
N SER B 366 22.28 -10.13 -28.31
CA SER B 366 22.82 -9.54 -29.52
C SER B 366 21.66 -9.16 -30.42
N LEU B 367 21.64 -7.90 -30.84
CA LEU B 367 20.54 -7.37 -31.63
C LEU B 367 21.09 -6.45 -32.72
N ASN B 368 20.62 -6.65 -33.94
CA ASN B 368 20.94 -5.79 -35.08
C ASN B 368 19.66 -5.11 -35.53
N ILE B 369 19.69 -3.78 -35.61
CA ILE B 369 18.51 -3.00 -35.98
C ILE B 369 18.42 -2.92 -37.49
N LEU B 370 17.21 -3.13 -38.03
CA LEU B 370 16.99 -3.16 -39.47
C LEU B 370 16.09 -2.03 -39.95
N ASN B 371 15.74 -1.09 -39.07
CA ASN B 371 14.95 0.09 -39.45
C ASN B 371 13.62 -0.29 -40.07
N SER B 372 12.98 -1.32 -39.52
CA SER B 372 11.69 -1.79 -40.03
C SER B 372 10.96 -2.49 -38.90
N GLN B 373 9.86 -3.17 -39.25
CA GLN B 373 9.08 -3.89 -38.25
C GLN B 373 9.78 -5.16 -37.79
N ARG B 374 10.53 -5.82 -38.67
CA ARG B 374 11.20 -7.06 -38.32
C ARG B 374 12.44 -6.78 -37.49
N ALA B 375 12.79 -7.75 -36.65
CA ALA B 375 14.02 -7.69 -35.86
C ALA B 375 14.36 -9.10 -35.38
N GLU B 376 15.64 -9.37 -35.23
CA GLU B 376 16.12 -10.65 -34.74
C GLU B 376 16.94 -10.44 -33.48
N ILE B 377 16.90 -11.43 -32.59
CA ILE B 377 17.57 -11.38 -31.30
C ILE B 377 18.31 -12.70 -31.10
N PHE B 378 19.57 -12.62 -30.66
CA PHE B 378 20.37 -13.79 -30.35
C PHE B 378 20.78 -13.74 -28.89
N PHE B 379 21.00 -14.91 -28.30
CA PHE B 379 21.42 -15.00 -26.91
C PHE B 379 22.67 -15.86 -26.83
N ASN B 380 23.78 -15.26 -26.42
CA ASN B 380 25.07 -15.96 -26.33
C ASN B 380 25.50 -16.00 -24.87
N LYS B 381 25.64 -17.20 -24.33
CA LYS B 381 26.16 -17.34 -22.98
C LYS B 381 27.68 -17.27 -22.96
N THR B 382 28.32 -17.63 -24.07
CA THR B 382 29.77 -17.76 -24.13
C THR B 382 30.47 -16.46 -24.51
N PHE B 383 29.74 -15.37 -24.73
CA PHE B 383 30.36 -14.15 -25.22
C PHE B 383 31.11 -13.44 -24.10
N THR B 384 32.36 -13.05 -24.40
CA THR B 384 33.20 -12.30 -23.48
C THR B 384 33.23 -10.83 -23.88
N PHE B 385 33.42 -9.95 -22.91
CA PHE B 385 33.30 -8.51 -23.14
C PHE B 385 34.65 -7.81 -23.13
N ASN B 386 34.76 -6.80 -23.98
CA ASN B 386 35.86 -5.86 -23.95
C ASN B 386 35.40 -4.60 -23.22
N GLU B 387 36.02 -4.32 -22.07
CA GLU B 387 35.64 -3.16 -21.28
C GLU B 387 36.01 -1.84 -21.93
N ASP B 388 36.79 -1.88 -23.02
CA ASP B 388 37.25 -0.65 -23.63
C ASP B 388 36.15 0.05 -24.41
N ASN B 389 35.23 -0.72 -24.99
CA ASN B 389 34.15 -0.18 -25.80
C ASN B 389 32.79 -0.51 -25.19
N GLY B 390 31.79 0.26 -25.59
CA GLY B 390 30.44 0.13 -25.07
C GLY B 390 29.63 -0.93 -25.77
N ASN B 391 28.36 -0.61 -26.02
CA ASN B 391 27.44 -1.58 -26.59
C ASN B 391 27.73 -1.84 -28.07
N PHE B 392 27.60 -0.82 -28.91
CA PHE B 392 27.76 -1.01 -30.34
C PHE B 392 29.20 -1.33 -30.69
N LEU B 393 29.39 -2.28 -31.61
CA LEU B 393 30.72 -2.72 -31.99
C LEU B 393 30.95 -2.67 -33.49
N SER B 394 29.89 -2.88 -34.27
CA SER B 394 29.97 -2.91 -35.73
C SER B 394 29.18 -1.74 -36.30
N TYR B 395 29.87 -0.85 -37.01
CA TYR B 395 29.27 0.38 -37.53
C TYR B 395 29.14 0.28 -39.03
N LYS B 396 27.91 0.46 -39.54
CA LYS B 396 27.64 0.56 -40.97
C LYS B 396 26.75 1.79 -41.19
N ILE B 397 27.38 2.95 -41.30
CA ILE B 397 26.65 4.20 -41.47
C ILE B 397 26.01 4.27 -42.85
#